data_6RU2
#
_entry.id   6RU2
#
_cell.length_a   84.450
_cell.length_b   84.450
_cell.length_c   262.239
_cell.angle_alpha   90.000
_cell.angle_beta   90.000
_cell.angle_gamma   90.000
#
_symmetry.space_group_name_H-M   'P 41 21 2'
#
loop_
_entity.id
_entity.type
_entity.pdbx_description
1 polymer '4-O-methyl-glucuronoyl methylesterase'
2 non-polymer 2-acetamido-2-deoxy-beta-D-glucopyranose
3 non-polymer alpha-D-mannopyranose
4 non-polymer 1,2-ETHANEDIOL
5 non-polymer GLYCEROL
6 non-polymer 'SODIUM ION'
7 water water
#
_entity_poly.entity_id   1
_entity_poly.type   'polypeptide(L)'
_entity_poly.pdbx_seq_one_letter_code
;GACGAIASTVPNYNNAKLPDPFTFANGTALRTKADWSCRRAEISALIQNYEAGTLPPKPPVVTASFSKSGNTGTLAITAG
LSNSQTIKFSPTISYPSGTPPANGWPLIIAYEGGSIPIPAGVATLTYSNSDMAQQNSASSRGQGLFYQLYGSTHSASAMT
AWVWGVSRIIDALEMTPTAQINTQRIGVTGCSRDGKGALMAGAFEERIALTIPQESGSGGDACWRLSKYEIDNGNQVQDA
VEIVGENVWFSTNFNNYVQKLPTVPEDHHLLAAMVAPRAMISFENTDYLWLSPMSSFGCMTAAHTVWQGLGIADSHGFAQ
VGGHAHCAWPSSLTPQLNAFINRFLLDQSATTNVFTTNNQFGKVQWNAANWITWTTPTLTGLEQKLISEEDLNSAVDHHH
HHH
;
_entity_poly.pdbx_strand_id   A,B
#
loop_
_chem_comp.id
_chem_comp.type
_chem_comp.name
_chem_comp.formula
EDO non-polymer 1,2-ETHANEDIOL 'C2 H6 O2'
GOL non-polymer GLYCEROL 'C3 H8 O3'
MAN D-saccharide, alpha linking alpha-D-mannopyranose 'C6 H12 O6'
NA non-polymer 'SODIUM ION' 'Na 1'
NAG D-saccharide, beta linking 2-acetamido-2-deoxy-beta-D-glucopyranose 'C8 H15 N O6'
#
# COMPACT_ATOMS: atom_id res chain seq x y z
N CYS A 3 -27.66 12.67 -20.52
CA CYS A 3 -26.72 13.04 -21.58
C CYS A 3 -27.43 13.35 -22.89
N GLY A 4 -28.68 12.96 -22.99
CA GLY A 4 -29.40 13.14 -24.23
C GLY A 4 -29.03 12.09 -25.27
N ALA A 5 -29.36 12.39 -26.53
CA ALA A 5 -29.13 11.47 -27.63
C ALA A 5 -27.67 11.57 -28.05
N ILE A 6 -26.89 10.54 -27.73
CA ILE A 6 -25.45 10.56 -27.97
C ILE A 6 -25.19 10.22 -29.43
N ALA A 7 -24.21 10.91 -30.03
CA ALA A 7 -23.83 10.65 -31.40
C ALA A 7 -23.01 9.36 -31.49
N SER A 8 -23.34 8.51 -32.46
CA SER A 8 -22.50 7.37 -32.77
C SER A 8 -21.86 7.46 -34.15
N THR A 9 -22.30 8.39 -34.99
CA THR A 9 -21.72 8.64 -36.30
C THR A 9 -21.57 10.14 -36.49
N VAL A 10 -20.46 10.58 -37.07
CA VAL A 10 -20.27 11.99 -37.40
C VAL A 10 -19.95 12.07 -38.88
N PRO A 11 -20.95 12.11 -39.75
CA PRO A 11 -20.71 11.89 -41.18
C PRO A 11 -19.75 12.87 -41.83
N ASN A 12 -19.67 14.11 -41.36
CA ASN A 12 -18.85 15.08 -42.07
CA ASN A 12 -18.91 15.18 -41.98
C ASN A 12 -17.53 15.37 -41.36
N TYR A 13 -17.16 14.53 -40.39
CA TYR A 13 -15.90 14.70 -39.70
C TYR A 13 -14.71 14.47 -40.63
N ASN A 14 -13.69 15.32 -40.49
CA ASN A 14 -12.51 15.22 -41.34
C ASN A 14 -11.39 16.00 -40.65
N ASN A 15 -10.54 15.29 -39.92
CA ASN A 15 -9.51 15.92 -39.10
C ASN A 15 -8.29 15.00 -39.14
N ALA A 16 -7.19 15.48 -39.75
CA ALA A 16 -5.97 14.70 -39.83
C ALA A 16 -5.22 14.65 -38.50
N LYS A 17 -5.50 15.57 -37.59
CA LYS A 17 -4.89 15.56 -36.27
C LYS A 17 -5.79 14.78 -35.31
N LEU A 18 -5.41 14.75 -34.04
CA LEU A 18 -6.12 13.92 -33.08
C LEU A 18 -7.45 14.56 -32.69
N PRO A 19 -8.56 13.82 -32.73
CA PRO A 19 -9.83 14.38 -32.28
C PRO A 19 -9.73 14.97 -30.88
N ASP A 20 -10.46 16.06 -30.67
CA ASP A 20 -10.37 16.83 -29.43
C ASP A 20 -11.20 16.15 -28.35
N PRO A 21 -10.59 15.68 -27.24
CA PRO A 21 -11.40 15.06 -26.18
C PRO A 21 -12.45 15.97 -25.60
N PHE A 22 -12.18 17.28 -25.55
CA PHE A 22 -12.94 18.20 -24.72
C PHE A 22 -14.06 18.91 -25.47
N THR A 23 -14.45 18.41 -26.63
CA THR A 23 -15.58 18.94 -27.37
C THR A 23 -16.45 17.78 -27.84
N PHE A 24 -17.75 17.83 -27.50
CA PHE A 24 -18.71 16.85 -27.97
C PHE A 24 -18.85 16.94 -29.49
N ALA A 25 -19.42 15.89 -30.08
CA ALA A 25 -19.63 15.90 -31.52
C ALA A 25 -20.49 17.07 -31.98
N ASN A 26 -21.46 17.49 -31.15
CA ASN A 26 -22.32 18.60 -31.54
C ASN A 26 -21.66 19.96 -31.38
N GLY A 27 -20.41 20.02 -30.93
CA GLY A 27 -19.71 21.28 -30.79
C GLY A 27 -19.77 21.87 -29.41
N THR A 28 -20.48 21.24 -28.48
CA THR A 28 -20.52 21.70 -27.10
C THR A 28 -19.19 21.39 -26.42
N ALA A 29 -18.61 22.41 -25.78
CA ALA A 29 -17.36 22.24 -25.04
C ALA A 29 -17.63 21.67 -23.65
N LEU A 30 -16.84 20.66 -23.26
CA LEU A 30 -16.86 20.19 -21.88
C LEU A 30 -16.40 21.29 -20.95
N ARG A 31 -17.03 21.39 -19.78
CA ARG A 31 -16.63 22.37 -18.79
CA ARG A 31 -16.69 22.39 -18.78
C ARG A 31 -16.57 21.82 -17.37
N THR A 32 -17.40 20.83 -17.02
CA THR A 32 -17.40 20.26 -15.68
C THR A 32 -16.84 18.84 -15.70
N LYS A 33 -16.43 18.37 -14.51
CA LYS A 33 -16.00 16.98 -14.41
C LYS A 33 -17.14 16.04 -14.77
N ALA A 34 -18.37 16.38 -14.38
CA ALA A 34 -19.52 15.55 -14.74
C ALA A 34 -19.68 15.44 -16.25
N ASP A 35 -19.36 16.50 -17.00
CA ASP A 35 -19.45 16.43 -18.46
C ASP A 35 -18.66 15.24 -19.01
N TRP A 36 -17.56 14.86 -18.34
CA TRP A 36 -16.74 13.78 -18.87
C TRP A 36 -17.50 12.46 -18.91
N SER A 37 -18.44 12.25 -17.98
CA SER A 37 -19.24 11.03 -18.03
C SER A 37 -20.02 10.93 -19.33
N CYS A 38 -20.62 12.04 -19.77
CA CYS A 38 -21.38 12.02 -21.02
C CYS A 38 -20.47 11.94 -22.24
N ARG A 39 -19.31 12.61 -22.20
CA ARG A 39 -18.38 12.52 -23.31
C ARG A 39 -17.81 11.11 -23.43
N ARG A 40 -17.54 10.46 -22.30
CA ARG A 40 -17.11 9.07 -22.34
C ARG A 40 -18.16 8.18 -23.00
N ALA A 41 -19.44 8.42 -22.68
CA ALA A 41 -20.51 7.62 -23.27
C ALA A 41 -20.60 7.85 -24.77
N GLU A 42 -20.41 9.10 -25.20
CA GLU A 42 -20.38 9.37 -26.63
C GLU A 42 -19.20 8.70 -27.30
N ILE A 43 -18.01 8.80 -26.68
CA ILE A 43 -16.83 8.13 -27.21
C ILE A 43 -17.06 6.63 -27.31
N SER A 44 -17.71 6.04 -26.30
CA SER A 44 -18.05 4.62 -26.37
C SER A 44 -18.86 4.32 -27.62
N ALA A 45 -19.90 5.13 -27.88
CA ALA A 45 -20.75 4.89 -29.04
C ALA A 45 -19.96 5.06 -30.33
N LEU A 46 -19.08 6.05 -30.40
CA LEU A 46 -18.31 6.27 -31.62
C LEU A 46 -17.35 5.12 -31.88
N ILE A 47 -16.67 4.66 -30.84
CA ILE A 47 -15.72 3.56 -31.01
C ILE A 47 -16.45 2.29 -31.45
N GLN A 48 -17.61 2.02 -30.84
CA GLN A 48 -18.40 0.87 -31.26
C GLN A 48 -18.83 1.00 -32.72
N ASN A 49 -19.24 2.20 -33.14
CA ASN A 49 -19.73 2.36 -34.50
C ASN A 49 -18.61 2.26 -35.53
N TYR A 50 -17.42 2.78 -35.22
CA TYR A 50 -16.40 2.85 -36.26
C TYR A 50 -15.44 1.67 -36.25
N GLU A 51 -15.15 1.09 -35.09
CA GLU A 51 -14.08 0.09 -35.06
C GLU A 51 -14.33 -1.12 -34.15
N ALA A 52 -15.20 -1.06 -33.14
CA ALA A 52 -15.30 -2.16 -32.20
C ALA A 52 -16.51 -3.05 -32.37
N GLY A 53 -17.53 -2.61 -33.09
CA GLY A 53 -18.78 -3.34 -33.15
C GLY A 53 -19.55 -3.15 -31.84
N THR A 54 -20.70 -3.83 -31.79
CA THR A 54 -21.67 -3.59 -30.73
C THR A 54 -21.33 -4.39 -29.47
N LEU A 55 -21.25 -3.70 -28.33
CA LEU A 55 -21.03 -4.35 -27.04
C LEU A 55 -22.39 -4.61 -26.40
N PRO A 56 -22.85 -5.86 -26.33
CA PRO A 56 -24.18 -6.11 -25.75
C PRO A 56 -24.19 -5.78 -24.27
N PRO A 57 -25.36 -5.40 -23.72
CA PRO A 57 -25.46 -5.19 -22.26
C PRO A 57 -25.52 -6.52 -21.53
N LYS A 58 -25.57 -6.47 -20.19
CA LYS A 58 -25.71 -7.68 -19.40
C LYS A 58 -26.92 -8.47 -19.89
N PRO A 59 -26.78 -9.77 -20.14
CA PRO A 59 -27.92 -10.57 -20.55
C PRO A 59 -28.80 -10.87 -19.34
N PRO A 60 -30.03 -11.36 -19.57
CA PRO A 60 -30.96 -11.55 -18.45
C PRO A 60 -30.61 -12.73 -17.54
N VAL A 61 -29.86 -13.71 -18.01
CA VAL A 61 -29.40 -14.82 -17.18
C VAL A 61 -27.89 -14.70 -17.05
N VAL A 62 -27.42 -14.58 -15.81
CA VAL A 62 -26.01 -14.69 -15.44
C VAL A 62 -25.98 -15.40 -14.10
N THR A 63 -25.52 -16.64 -14.07
CA THR A 63 -25.42 -17.36 -12.82
C THR A 63 -23.99 -17.88 -12.65
N ALA A 64 -23.64 -18.21 -11.41
CA ALA A 64 -22.28 -18.64 -11.14
C ALA A 64 -22.27 -19.58 -9.94
N SER A 65 -21.43 -20.61 -10.00
CA SER A 65 -21.12 -21.42 -8.84
C SER A 65 -19.61 -21.43 -8.68
N PHE A 66 -19.17 -21.73 -7.45
CA PHE A 66 -17.77 -21.62 -7.09
C PHE A 66 -17.35 -22.85 -6.30
N SER A 67 -16.16 -23.36 -6.61
CA SER A 67 -15.53 -24.39 -5.80
C SER A 67 -14.05 -24.08 -5.74
N LYS A 68 -13.38 -24.67 -4.75
CA LYS A 68 -11.98 -24.38 -4.51
C LYS A 68 -11.26 -25.67 -4.12
N SER A 69 -10.08 -25.87 -4.70
CA SER A 69 -9.23 -27.00 -4.40
C SER A 69 -7.82 -26.48 -4.14
N GLY A 70 -7.34 -26.64 -2.92
CA GLY A 70 -6.06 -26.03 -2.58
C GLY A 70 -6.18 -24.52 -2.67
N ASN A 71 -5.29 -23.90 -3.44
CA ASN A 71 -5.27 -22.46 -3.61
C ASN A 71 -5.84 -22.01 -4.93
N THR A 72 -6.64 -22.86 -5.60
CA THR A 72 -7.18 -22.58 -6.92
C THR A 72 -8.70 -22.69 -6.87
N GLY A 73 -9.37 -21.59 -7.18
CA GLY A 73 -10.81 -21.58 -7.31
C GLY A 73 -11.23 -21.70 -8.76
N THR A 74 -12.43 -22.25 -8.98
CA THR A 74 -13.04 -22.31 -10.30
C THR A 74 -14.41 -21.62 -10.22
N LEU A 75 -14.58 -20.59 -11.04
CA LEU A 75 -15.82 -19.79 -11.09
C LEU A 75 -16.58 -20.21 -12.33
N ALA A 76 -17.58 -21.09 -12.16
CA ALA A 76 -18.35 -21.64 -13.27
C ALA A 76 -19.49 -20.68 -13.60
N ILE A 77 -19.41 -20.04 -14.75
CA ILE A 77 -20.36 -19.00 -15.14
C ILE A 77 -21.28 -19.53 -16.23
N THR A 78 -22.54 -19.13 -16.15
CA THR A 78 -23.52 -19.35 -17.21
C THR A 78 -24.13 -18.01 -17.59
N ALA A 79 -24.27 -17.76 -18.89
CA ALA A 79 -24.90 -16.55 -19.40
C ALA A 79 -25.95 -16.94 -20.44
N GLY A 80 -27.10 -16.28 -20.40
CA GLY A 80 -28.21 -16.68 -21.26
C GLY A 80 -29.05 -15.49 -21.68
N LEU A 81 -29.61 -15.59 -22.88
CA LEU A 81 -30.47 -14.56 -23.44
C LEU A 81 -31.94 -14.91 -23.21
N SER A 82 -32.80 -13.94 -23.52
CA SER A 82 -34.23 -14.16 -23.31
C SER A 82 -34.80 -15.23 -24.24
N ASN A 83 -34.06 -15.65 -25.27
CA ASN A 83 -34.52 -16.71 -26.17
C ASN A 83 -34.07 -18.10 -25.71
N SER A 84 -33.52 -18.22 -24.50
CA SER A 84 -33.09 -19.45 -23.85
C SER A 84 -31.67 -19.86 -24.25
N GLN A 85 -31.08 -19.26 -25.27
CA GLN A 85 -29.71 -19.61 -25.64
C GLN A 85 -28.77 -19.33 -24.47
N THR A 86 -27.83 -20.25 -24.23
CA THR A 86 -26.90 -20.10 -23.12
C THR A 86 -25.53 -20.60 -23.51
N ILE A 87 -24.51 -20.07 -22.83
CA ILE A 87 -23.14 -20.53 -22.90
C ILE A 87 -22.61 -20.61 -21.47
N LYS A 88 -21.48 -21.29 -21.32
N LYS A 88 -21.48 -21.29 -21.32
CA LYS A 88 -20.84 -21.43 -20.02
CA LYS A 88 -20.85 -21.45 -20.02
C LYS A 88 -19.33 -21.31 -20.19
C LYS A 88 -19.34 -21.34 -20.18
N PHE A 89 -18.68 -20.79 -19.16
CA PHE A 89 -17.23 -20.76 -19.12
C PHE A 89 -16.80 -20.66 -17.67
N SER A 90 -15.58 -21.13 -17.40
CA SER A 90 -15.13 -21.39 -16.03
C SER A 90 -13.70 -20.90 -15.84
N PRO A 91 -13.51 -19.60 -15.67
CA PRO A 91 -12.18 -19.10 -15.30
C PRO A 91 -11.76 -19.62 -13.93
N THR A 92 -10.44 -19.71 -13.73
CA THR A 92 -9.88 -20.12 -12.46
C THR A 92 -9.19 -18.93 -11.79
N ILE A 93 -9.02 -19.04 -10.47
CA ILE A 93 -8.44 -17.99 -9.64
C ILE A 93 -7.36 -18.62 -8.77
N SER A 94 -6.18 -18.00 -8.77
CA SER A 94 -5.06 -18.40 -7.93
C SER A 94 -5.05 -17.49 -6.69
N TYR A 95 -5.14 -18.09 -5.51
CA TYR A 95 -5.25 -17.30 -4.28
C TYR A 95 -3.95 -17.30 -3.49
N PRO A 96 -3.61 -16.18 -2.84
CA PRO A 96 -2.64 -16.23 -1.76
C PRO A 96 -3.14 -17.14 -0.66
N SER A 97 -2.22 -17.70 0.12
CA SER A 97 -2.62 -18.58 1.19
C SER A 97 -3.02 -17.77 2.43
N GLY A 98 -3.79 -18.42 3.30
CA GLY A 98 -4.14 -17.83 4.57
C GLY A 98 -5.44 -17.03 4.53
N THR A 99 -5.63 -16.28 5.62
CA THR A 99 -6.83 -15.47 5.79
C THR A 99 -6.77 -14.26 4.88
N PRO A 100 -7.85 -13.94 4.15
CA PRO A 100 -7.85 -12.75 3.30
C PRO A 100 -8.16 -11.51 4.11
N PRO A 101 -8.01 -10.33 3.53
CA PRO A 101 -8.49 -9.12 4.21
C PRO A 101 -9.99 -9.19 4.44
N ALA A 102 -10.47 -8.35 5.36
CA ALA A 102 -11.87 -8.39 5.76
C ALA A 102 -12.79 -8.30 4.56
N ASN A 103 -12.41 -7.53 3.54
CA ASN A 103 -13.27 -7.29 2.39
C ASN A 103 -12.97 -8.23 1.22
N GLY A 104 -12.09 -9.20 1.40
CA GLY A 104 -11.70 -10.12 0.35
C GLY A 104 -10.39 -9.72 -0.32
N TRP A 105 -9.89 -10.62 -1.16
CA TRP A 105 -8.65 -10.36 -1.87
C TRP A 105 -8.88 -9.36 -3.00
N PRO A 106 -8.01 -8.37 -3.15
CA PRO A 106 -7.96 -7.67 -4.43
C PRO A 106 -7.62 -8.67 -5.52
N LEU A 107 -8.03 -8.38 -6.74
CA LEU A 107 -7.91 -9.34 -7.82
C LEU A 107 -7.45 -8.64 -9.10
N ILE A 108 -6.61 -9.34 -9.86
CA ILE A 108 -6.25 -8.91 -11.20
C ILE A 108 -6.74 -9.97 -12.18
N ILE A 109 -7.60 -9.56 -13.10
CA ILE A 109 -8.04 -10.41 -14.21
C ILE A 109 -6.96 -10.34 -15.28
N ALA A 110 -6.27 -11.46 -15.51
CA ALA A 110 -5.12 -11.53 -16.40
C ALA A 110 -5.52 -12.29 -17.66
N TYR A 111 -5.56 -11.60 -18.80
CA TYR A 111 -5.81 -12.24 -20.07
C TYR A 111 -4.79 -13.35 -20.28
N GLU A 112 -5.25 -14.60 -20.24
CA GLU A 112 -4.41 -15.78 -20.46
C GLU A 112 -3.15 -15.73 -19.58
N GLY A 113 -3.32 -15.24 -18.36
CA GLY A 113 -2.26 -15.23 -17.37
C GLY A 113 -1.45 -13.96 -17.32
N GLY A 114 -1.50 -13.14 -18.36
CA GLY A 114 -0.76 -11.90 -18.38
C GLY A 114 0.74 -12.16 -18.50
N SER A 115 1.50 -11.07 -18.49
CA SER A 115 2.96 -11.17 -18.48
C SER A 115 3.59 -10.19 -17.51
N ILE A 116 2.86 -9.76 -16.48
CA ILE A 116 3.46 -8.93 -15.43
C ILE A 116 3.60 -9.76 -14.16
N PRO A 117 4.58 -9.45 -13.32
CA PRO A 117 4.65 -10.10 -12.00
C PRO A 117 3.58 -9.51 -11.10
N ILE A 118 2.78 -10.39 -10.50
CA ILE A 118 1.64 -9.98 -9.69
C ILE A 118 2.04 -10.11 -8.22
N PRO A 119 1.94 -9.05 -7.42
CA PRO A 119 2.43 -9.09 -6.03
C PRO A 119 1.71 -10.16 -5.22
N ALA A 120 2.28 -10.44 -4.05
CA ALA A 120 1.85 -11.61 -3.28
C ALA A 120 0.45 -11.44 -2.69
N GLY A 121 0.06 -10.22 -2.35
CA GLY A 121 -1.24 -9.99 -1.75
C GLY A 121 -2.40 -9.84 -2.72
N VAL A 122 -2.20 -10.17 -4.00
CA VAL A 122 -3.22 -10.00 -5.02
C VAL A 122 -3.51 -11.36 -5.65
N ALA A 123 -4.80 -11.71 -5.74
CA ALA A 123 -5.20 -12.92 -6.43
C ALA A 123 -5.20 -12.71 -7.94
N THR A 124 -5.03 -13.81 -8.69
CA THR A 124 -4.98 -13.75 -10.14
C THR A 124 -6.10 -14.61 -10.71
N LEU A 125 -6.97 -13.99 -11.50
CA LEU A 125 -7.96 -14.72 -12.28
C LEU A 125 -7.41 -14.88 -13.70
N THR A 126 -7.32 -16.13 -14.16
CA THR A 126 -6.86 -16.42 -15.51
C THR A 126 -8.07 -16.47 -16.43
N TYR A 127 -8.14 -15.53 -17.37
CA TYR A 127 -9.26 -15.41 -18.30
C TYR A 127 -8.82 -15.92 -19.66
N SER A 128 -9.50 -16.94 -20.16
CA SER A 128 -9.18 -17.52 -21.47
C SER A 128 -9.96 -16.75 -22.54
N ASN A 129 -9.49 -15.54 -22.82
CA ASN A 129 -10.22 -14.68 -23.74
C ASN A 129 -10.32 -15.29 -25.13
N SER A 130 -9.31 -16.07 -25.55
CA SER A 130 -9.35 -16.68 -26.88
C SER A 130 -10.49 -17.67 -27.01
N ASP A 131 -10.92 -18.30 -25.91
CA ASP A 131 -12.10 -19.14 -25.95
C ASP A 131 -13.37 -18.30 -26.14
N MET A 132 -13.41 -17.12 -25.50
CA MET A 132 -14.57 -16.26 -25.63
C MET A 132 -14.72 -15.74 -27.06
N ALA A 133 -13.61 -15.38 -27.70
CA ALA A 133 -13.60 -14.98 -29.11
C ALA A 133 -12.25 -15.37 -29.70
N GLN A 134 -12.27 -16.24 -30.71
CA GLN A 134 -11.03 -16.75 -31.33
C GLN A 134 -10.26 -15.62 -32.01
N GLN A 135 -8.95 -15.82 -32.14
CA GLN A 135 -8.08 -14.76 -32.66
C GLN A 135 -6.83 -15.35 -33.32
N ASN A 136 -7.02 -16.39 -34.14
CA ASN A 136 -5.89 -16.96 -34.86
C ASN A 136 -5.49 -16.10 -36.07
N SER A 137 -6.47 -15.66 -36.84
CA SER A 137 -6.26 -14.88 -38.06
C SER A 137 -7.63 -14.42 -38.54
N ALA A 138 -7.68 -13.86 -39.75
CA ALA A 138 -8.97 -13.47 -40.32
C ALA A 138 -9.94 -14.65 -40.40
N SER A 139 -9.42 -15.88 -40.46
CA SER A 139 -10.26 -17.07 -40.48
C SER A 139 -11.15 -17.19 -39.25
N SER A 140 -10.80 -16.52 -38.15
CA SER A 140 -11.48 -16.68 -36.87
C SER A 140 -12.77 -15.87 -36.76
N ARG A 141 -13.14 -15.11 -37.78
CA ARG A 141 -14.24 -14.15 -37.66
C ARG A 141 -15.48 -14.83 -37.12
N GLY A 142 -16.01 -14.30 -36.02
CA GLY A 142 -17.29 -14.74 -35.49
C GLY A 142 -17.28 -16.07 -34.79
N GLN A 143 -16.11 -16.55 -34.36
CA GLN A 143 -15.98 -17.83 -33.68
C GLN A 143 -15.55 -17.62 -32.24
N GLY A 144 -16.08 -18.45 -31.34
CA GLY A 144 -15.84 -18.30 -29.92
C GLY A 144 -17.14 -18.38 -29.13
N LEU A 145 -17.04 -18.58 -27.81
CA LEU A 145 -18.25 -18.73 -26.99
C LEU A 145 -19.18 -17.52 -27.14
N PHE A 146 -18.62 -16.31 -27.16
CA PHE A 146 -19.47 -15.13 -27.30
C PHE A 146 -20.43 -15.30 -28.46
N TYR A 147 -19.94 -15.78 -29.61
CA TYR A 147 -20.75 -15.89 -30.81
C TYR A 147 -21.68 -17.09 -30.78
N GLN A 148 -21.39 -18.09 -29.94
CA GLN A 148 -22.36 -19.16 -29.72
C GLN A 148 -23.56 -18.66 -28.93
N LEU A 149 -23.44 -17.51 -28.27
CA LEU A 149 -24.58 -16.88 -27.60
C LEU A 149 -25.26 -15.86 -28.50
N TYR A 150 -24.49 -14.94 -29.10
CA TYR A 150 -25.07 -13.83 -29.83
C TYR A 150 -25.14 -14.07 -31.33
N GLY A 151 -24.51 -15.12 -31.85
CA GLY A 151 -24.56 -15.40 -33.27
C GLY A 151 -23.25 -15.07 -33.96
N SER A 152 -22.85 -15.88 -34.95
CA SER A 152 -21.54 -15.68 -35.57
C SER A 152 -21.46 -14.42 -36.42
N THR A 153 -22.58 -13.81 -36.81
CA THR A 153 -22.56 -12.57 -37.57
C THR A 153 -22.73 -11.33 -36.70
N HIS A 154 -22.75 -11.49 -35.37
CA HIS A 154 -22.83 -10.34 -34.48
C HIS A 154 -21.63 -9.43 -34.73
N SER A 155 -21.88 -8.11 -34.68
CA SER A 155 -20.88 -7.15 -35.14
C SER A 155 -19.71 -6.98 -34.17
N ALA A 156 -19.83 -7.42 -32.92
CA ALA A 156 -18.75 -7.22 -31.97
C ALA A 156 -17.44 -7.80 -32.51
N SER A 157 -16.38 -7.01 -32.43
CA SER A 157 -15.04 -7.51 -32.66
C SER A 157 -14.69 -8.56 -31.61
N ALA A 158 -13.59 -9.29 -31.84
CA ALA A 158 -13.10 -10.21 -30.83
C ALA A 158 -12.84 -9.50 -29.51
N MET A 159 -12.29 -8.29 -29.56
CA MET A 159 -11.95 -7.60 -28.31
C MET A 159 -13.20 -7.12 -27.58
N THR A 160 -14.23 -6.72 -28.31
CA THR A 160 -15.48 -6.36 -27.66
C THR A 160 -16.13 -7.58 -27.01
N ALA A 161 -16.10 -8.72 -27.69
CA ALA A 161 -16.55 -9.97 -27.07
C ALA A 161 -15.75 -10.27 -25.80
N TRP A 162 -14.44 -10.07 -25.83
CA TRP A 162 -13.64 -10.28 -24.63
C TRP A 162 -14.12 -9.38 -23.50
N VAL A 163 -14.38 -8.10 -23.81
CA VAL A 163 -14.89 -7.18 -22.80
C VAL A 163 -16.16 -7.72 -22.18
N TRP A 164 -17.09 -8.17 -23.03
CA TRP A 164 -18.33 -8.75 -22.54
C TRP A 164 -18.06 -9.85 -21.53
N GLY A 165 -17.09 -10.71 -21.83
CA GLY A 165 -16.77 -11.80 -20.92
C GLY A 165 -16.27 -11.30 -19.58
N VAL A 166 -15.43 -10.26 -19.59
CA VAL A 166 -14.97 -9.69 -18.34
C VAL A 166 -16.14 -9.15 -17.54
N SER A 167 -17.06 -8.45 -18.20
CA SER A 167 -18.21 -7.93 -17.49
C SER A 167 -19.00 -9.04 -16.81
N ARG A 168 -19.13 -10.18 -17.48
CA ARG A 168 -19.84 -11.31 -16.87
C ARG A 168 -19.05 -11.89 -15.72
N ILE A 169 -17.72 -11.90 -15.83
CA ILE A 169 -16.89 -12.38 -14.73
C ILE A 169 -17.14 -11.54 -13.48
N ILE A 170 -17.17 -10.22 -13.65
CA ILE A 170 -17.37 -9.35 -12.50
C ILE A 170 -18.78 -9.52 -11.95
N ASP A 171 -19.79 -9.63 -12.83
CA ASP A 171 -21.13 -9.96 -12.38
C ASP A 171 -21.12 -11.19 -11.49
N ALA A 172 -20.43 -12.25 -11.94
CA ALA A 172 -20.39 -13.50 -11.20
C ALA A 172 -19.73 -13.31 -9.83
N LEU A 173 -18.59 -12.59 -9.80
CA LEU A 173 -17.90 -12.36 -8.54
C LEU A 173 -18.79 -11.62 -7.55
N GLU A 174 -19.56 -10.63 -8.02
CA GLU A 174 -20.44 -9.89 -7.12
C GLU A 174 -21.53 -10.78 -6.52
N MET A 175 -21.90 -11.86 -7.20
CA MET A 175 -22.93 -12.77 -6.72
C MET A 175 -22.36 -13.93 -5.89
N THR A 176 -21.05 -14.03 -5.75
CA THR A 176 -20.39 -15.22 -5.20
C THR A 176 -19.52 -14.82 -4.02
N PRO A 177 -20.10 -14.64 -2.84
CA PRO A 177 -19.28 -14.31 -1.65
C PRO A 177 -18.18 -15.31 -1.38
N THR A 178 -18.40 -16.61 -1.65
CA THR A 178 -17.38 -17.58 -1.27
C THR A 178 -16.11 -17.45 -2.10
N ALA A 179 -16.14 -16.71 -3.21
CA ALA A 179 -14.90 -16.46 -3.95
C ALA A 179 -13.95 -15.54 -3.19
N GLN A 180 -14.44 -14.85 -2.16
CA GLN A 180 -13.62 -14.04 -1.27
C GLN A 180 -12.80 -13.00 -2.04
N ILE A 181 -13.45 -12.34 -3.00
CA ILE A 181 -12.82 -11.29 -3.81
C ILE A 181 -13.42 -9.95 -3.42
N ASN A 182 -12.56 -8.94 -3.24
CA ASN A 182 -13.01 -7.57 -3.05
C ASN A 182 -13.29 -6.99 -4.43
N THR A 183 -14.56 -6.98 -4.85
CA THR A 183 -14.88 -6.54 -6.20
C THR A 183 -14.71 -5.04 -6.39
N GLN A 184 -14.41 -4.29 -5.33
CA GLN A 184 -14.05 -2.89 -5.43
C GLN A 184 -12.57 -2.68 -5.79
N ARG A 185 -11.78 -3.74 -5.84
CA ARG A 185 -10.35 -3.64 -6.10
C ARG A 185 -9.96 -4.70 -7.14
N ILE A 186 -10.52 -4.53 -8.34
CA ILE A 186 -10.26 -5.43 -9.46
C ILE A 186 -9.44 -4.68 -10.51
N GLY A 187 -8.34 -5.29 -10.93
CA GLY A 187 -7.55 -4.79 -12.05
C GLY A 187 -7.61 -5.74 -13.23
N VAL A 188 -7.07 -5.30 -14.35
CA VAL A 188 -7.03 -6.11 -15.56
C VAL A 188 -5.67 -5.90 -16.23
N THR A 189 -5.12 -6.98 -16.79
CA THR A 189 -3.85 -6.87 -17.49
C THR A 189 -3.80 -7.87 -18.64
N GLY A 190 -2.89 -7.59 -19.58
CA GLY A 190 -2.62 -8.50 -20.69
C GLY A 190 -1.45 -7.94 -21.46
N CYS A 191 -0.75 -8.84 -22.17
CA CYS A 191 0.40 -8.46 -22.98
C CYS A 191 0.13 -8.72 -24.45
N SER A 192 0.69 -7.86 -25.31
CA SER A 192 0.66 -8.03 -26.75
C SER A 192 -0.78 -7.93 -27.24
N ARG A 193 -1.23 -8.91 -28.03
CA ARG A 193 -2.63 -8.86 -28.46
C ARG A 193 -3.59 -8.88 -27.27
N ASP A 194 -3.22 -9.58 -26.20
CA ASP A 194 -4.03 -9.55 -24.98
C ASP A 194 -3.87 -8.22 -24.23
N GLY A 195 -2.82 -7.45 -24.55
CA GLY A 195 -2.73 -6.08 -24.04
C GLY A 195 -3.69 -5.14 -24.74
N LYS A 196 -3.86 -5.30 -26.05
CA LYS A 196 -4.96 -4.61 -26.73
C LYS A 196 -6.28 -4.92 -26.04
N GLY A 197 -6.49 -6.20 -25.69
CA GLY A 197 -7.74 -6.57 -25.06
C GLY A 197 -7.91 -5.94 -23.68
N ALA A 198 -6.84 -5.91 -22.89
CA ALA A 198 -6.94 -5.38 -21.54
C ALA A 198 -7.31 -3.90 -21.55
N LEU A 199 -6.75 -3.15 -22.49
CA LEU A 199 -7.12 -1.74 -22.62
C LEU A 199 -8.61 -1.59 -22.93
N MET A 200 -9.12 -2.38 -23.87
CA MET A 200 -10.55 -2.34 -24.16
C MET A 200 -11.39 -2.67 -22.93
N ALA A 201 -10.98 -3.67 -22.17
CA ALA A 201 -11.72 -4.03 -20.97
C ALA A 201 -11.76 -2.87 -19.98
N GLY A 202 -10.60 -2.28 -19.68
CA GLY A 202 -10.57 -1.19 -18.72
C GLY A 202 -11.35 0.02 -19.19
N ALA A 203 -11.32 0.30 -20.49
CA ALA A 203 -12.04 1.46 -21.02
C ALA A 203 -13.55 1.28 -20.88
N PHE A 204 -14.06 0.09 -21.24
CA PHE A 204 -15.50 -0.11 -21.36
C PHE A 204 -16.16 -0.66 -20.10
N GLU A 205 -15.43 -1.33 -19.22
CA GLU A 205 -16.01 -1.91 -18.00
C GLU A 205 -15.58 -1.07 -16.79
N GLU A 206 -16.48 -0.20 -16.33
CA GLU A 206 -16.16 0.80 -15.31
C GLU A 206 -15.95 0.22 -13.91
N ARG A 207 -16.22 -1.05 -13.69
CA ARG A 207 -15.92 -1.62 -12.38
C ARG A 207 -14.45 -2.02 -12.24
N ILE A 208 -13.64 -1.80 -13.26
CA ILE A 208 -12.23 -2.13 -13.22
C ILE A 208 -11.47 -0.95 -12.62
N ALA A 209 -10.82 -1.17 -11.48
CA ALA A 209 -10.20 -0.06 -10.76
C ALA A 209 -8.81 0.27 -11.30
N LEU A 210 -8.10 -0.69 -11.89
CA LEU A 210 -6.77 -0.45 -12.42
C LEU A 210 -6.59 -1.24 -13.72
N THR A 211 -6.17 -0.55 -14.76
CA THR A 211 -5.96 -1.16 -16.07
C THR A 211 -4.47 -1.13 -16.40
N ILE A 212 -3.94 -2.27 -16.87
CA ILE A 212 -2.50 -2.41 -17.10
C ILE A 212 -2.24 -3.09 -18.44
N PRO A 213 -2.27 -2.35 -19.56
CA PRO A 213 -1.90 -2.94 -20.85
C PRO A 213 -0.39 -2.97 -21.03
N GLN A 214 0.14 -4.13 -21.43
CA GLN A 214 1.58 -4.34 -21.56
C GLN A 214 1.91 -4.57 -23.03
N GLU A 215 2.77 -3.73 -23.59
CA GLU A 215 3.24 -3.83 -24.98
C GLU A 215 2.08 -4.16 -25.92
N SER A 216 1.05 -3.30 -25.89
CA SER A 216 -0.16 -3.53 -26.67
C SER A 216 -0.03 -3.04 -28.11
N GLY A 217 0.83 -2.06 -28.38
CA GLY A 217 1.13 -1.70 -29.77
C GLY A 217 -0.07 -1.17 -30.55
N SER A 218 -0.04 -1.43 -31.86
CA SER A 218 -1.08 -0.93 -32.76
C SER A 218 -2.43 -1.58 -32.43
N GLY A 219 -3.47 -0.77 -32.34
CA GLY A 219 -4.75 -1.26 -31.86
C GLY A 219 -4.84 -1.35 -30.36
N GLY A 220 -3.75 -1.06 -29.64
CA GLY A 220 -3.71 -0.91 -28.21
C GLY A 220 -3.54 0.55 -27.84
N ASP A 221 -2.45 0.89 -27.16
CA ASP A 221 -2.25 2.27 -26.73
C ASP A 221 -1.57 3.13 -27.79
N ALA A 222 -1.38 2.62 -29.01
CA ALA A 222 -0.97 3.45 -30.13
C ALA A 222 -2.20 4.05 -30.81
N CYS A 223 -2.01 5.20 -31.45
CA CYS A 223 -3.08 5.86 -32.19
C CYS A 223 -3.00 5.52 -33.69
N TRP A 224 -4.17 5.33 -34.31
CA TRP A 224 -4.20 5.02 -35.74
C TRP A 224 -3.53 6.11 -36.57
N ARG A 225 -3.85 7.38 -36.28
CA ARG A 225 -3.32 8.46 -37.10
C ARG A 225 -1.80 8.55 -36.97
N LEU A 226 -1.27 8.38 -35.77
CA LEU A 226 0.18 8.47 -35.58
C LEU A 226 0.89 7.31 -36.25
N SER A 227 0.30 6.11 -36.23
CA SER A 227 0.94 4.96 -36.86
C SER A 227 0.93 5.08 -38.39
N LYS A 228 -0.10 5.71 -38.96
CA LYS A 228 -0.06 5.99 -40.39
C LYS A 228 1.10 6.92 -40.72
N TYR A 229 1.34 7.92 -39.87
CA TYR A 229 2.49 8.79 -40.04
C TYR A 229 3.81 8.01 -39.95
N GLU A 230 3.91 7.09 -39.00
CA GLU A 230 5.11 6.27 -38.90
C GLU A 230 5.34 5.44 -40.15
N ILE A 231 4.31 4.75 -40.62
CA ILE A 231 4.52 3.79 -41.71
C ILE A 231 4.84 4.52 -43.00
N ASP A 232 4.20 5.67 -43.24
CA ASP A 232 4.52 6.49 -44.40
C ASP A 232 5.96 7.00 -44.37
N ASN A 233 6.57 7.07 -43.20
CA ASN A 233 7.92 7.60 -43.07
C ASN A 233 8.98 6.52 -42.86
N GLY A 234 8.65 5.27 -43.17
CA GLY A 234 9.66 4.24 -43.24
C GLY A 234 9.85 3.39 -42.01
N ASN A 235 9.13 3.67 -40.93
CA ASN A 235 9.13 2.77 -39.78
C ASN A 235 8.25 1.57 -40.10
N GLN A 236 8.76 0.38 -39.77
CA GLN A 236 8.01 -0.85 -40.09
C GLN A 236 7.07 -1.18 -38.93
N VAL A 237 6.04 -0.35 -38.81
CA VAL A 237 5.04 -0.45 -37.74
C VAL A 237 3.82 -1.20 -38.26
N GLN A 238 3.10 -1.82 -37.34
CA GLN A 238 1.74 -2.25 -37.61
C GLN A 238 0.83 -1.03 -37.71
N ASP A 239 -0.13 -1.06 -38.63
CA ASP A 239 -1.03 0.07 -38.83
C ASP A 239 -2.45 -0.44 -39.10
N ALA A 240 -3.39 0.50 -39.15
CA ALA A 240 -4.79 0.14 -39.32
C ALA A 240 -5.00 -0.73 -40.56
N VAL A 241 -4.38 -0.38 -41.68
CA VAL A 241 -4.61 -1.12 -42.92
C VAL A 241 -4.19 -2.58 -42.76
N GLU A 242 -3.03 -2.83 -42.14
CA GLU A 242 -2.56 -4.21 -42.01
C GLU A 242 -3.36 -4.98 -40.96
N ILE A 243 -3.73 -4.31 -39.87
CA ILE A 243 -4.23 -5.05 -38.72
C ILE A 243 -5.60 -5.67 -39.01
N VAL A 244 -6.42 -5.01 -39.84
CA VAL A 244 -7.75 -5.55 -40.11
C VAL A 244 -7.69 -6.77 -41.02
N GLY A 245 -6.60 -6.93 -41.77
CA GLY A 245 -6.42 -8.14 -42.56
C GLY A 245 -5.74 -9.25 -41.80
N GLU A 246 -5.08 -8.91 -40.69
CA GLU A 246 -4.28 -9.89 -39.97
C GLU A 246 -5.11 -10.71 -38.99
N ASN A 247 -6.17 -10.14 -38.42
CA ASN A 247 -6.88 -10.80 -37.34
C ASN A 247 -8.27 -10.19 -37.25
N VAL A 248 -9.00 -10.53 -36.19
CA VAL A 248 -10.40 -10.11 -36.04
C VAL A 248 -10.57 -9.27 -34.78
N TRP A 249 -9.53 -8.53 -34.40
CA TRP A 249 -9.61 -7.70 -33.21
C TRP A 249 -10.51 -6.50 -33.39
N PHE A 250 -10.93 -6.19 -34.61
CA PHE A 250 -11.83 -5.07 -34.86
C PHE A 250 -13.01 -5.53 -35.70
N SER A 251 -14.05 -4.70 -35.71
CA SER A 251 -15.25 -5.04 -36.44
C SER A 251 -14.98 -5.03 -37.94
N THR A 252 -15.80 -5.77 -38.69
CA THR A 252 -15.66 -5.75 -40.14
C THR A 252 -15.91 -4.35 -40.69
N ASN A 253 -16.74 -3.55 -40.02
CA ASN A 253 -17.03 -2.20 -40.47
C ASN A 253 -15.79 -1.30 -40.44
N PHE A 254 -14.83 -1.58 -39.55
CA PHE A 254 -13.62 -0.77 -39.51
C PHE A 254 -12.90 -0.78 -40.86
N ASN A 255 -13.04 -1.85 -41.63
CA ASN A 255 -12.44 -1.89 -42.96
C ASN A 255 -12.82 -0.69 -43.80
N ASN A 256 -14.02 -0.14 -43.59
CA ASN A 256 -14.46 1.00 -44.37
C ASN A 256 -13.71 2.28 -44.02
N TYR A 257 -12.92 2.28 -42.96
CA TYR A 257 -12.28 3.51 -42.52
C TYR A 257 -10.75 3.45 -42.44
N VAL A 258 -10.13 2.27 -42.61
CA VAL A 258 -8.69 2.17 -42.38
C VAL A 258 -7.91 3.01 -43.38
N GLN A 259 -8.46 3.22 -44.57
CA GLN A 259 -7.84 4.06 -45.59
C GLN A 259 -8.27 5.51 -45.48
N LYS A 260 -9.14 5.85 -44.53
CA LYS A 260 -9.72 7.17 -44.41
C LYS A 260 -9.72 7.60 -42.95
N LEU A 261 -8.58 7.42 -42.26
CA LEU A 261 -8.54 7.65 -40.82
C LEU A 261 -8.96 9.06 -40.41
N PRO A 262 -8.63 10.12 -41.14
CA PRO A 262 -9.09 11.46 -40.72
C PRO A 262 -10.60 11.57 -40.58
N THR A 263 -11.38 10.72 -41.27
CA THR A 263 -12.83 10.81 -41.14
C THR A 263 -13.36 10.14 -39.87
N VAL A 264 -12.50 9.47 -39.10
CA VAL A 264 -12.91 8.72 -37.92
C VAL A 264 -12.92 9.68 -36.73
N PRO A 265 -14.07 9.94 -36.12
CA PRO A 265 -14.12 10.98 -35.07
C PRO A 265 -13.65 10.47 -33.72
N GLU A 266 -12.65 9.59 -33.73
CA GLU A 266 -12.04 9.10 -32.51
C GLU A 266 -10.67 8.55 -32.86
N ASP A 267 -9.85 8.41 -31.83
CA ASP A 267 -8.64 7.59 -31.96
C ASP A 267 -8.40 6.94 -30.60
N HIS A 268 -7.31 6.19 -30.50
CA HIS A 268 -7.15 5.43 -29.27
C HIS A 268 -6.70 6.27 -28.09
N HIS A 269 -6.41 7.57 -28.26
CA HIS A 269 -6.28 8.43 -27.09
C HIS A 269 -7.63 8.62 -26.40
N LEU A 270 -8.72 8.68 -27.18
CA LEU A 270 -10.05 8.70 -26.59
C LEU A 270 -10.41 7.34 -25.99
N LEU A 271 -9.97 6.25 -26.62
CA LEU A 271 -10.19 4.93 -26.04
C LEU A 271 -9.55 4.82 -24.65
N ALA A 272 -8.27 5.20 -24.56
CA ALA A 272 -7.61 5.20 -23.26
C ALA A 272 -8.31 6.14 -22.29
N ALA A 273 -8.72 7.32 -22.77
CA ALA A 273 -9.35 8.29 -21.88
C ALA A 273 -10.66 7.78 -21.29
N MET A 274 -11.31 6.79 -21.94
CA MET A 274 -12.49 6.17 -21.36
C MET A 274 -12.23 5.56 -19.99
N VAL A 275 -10.99 5.20 -19.69
CA VAL A 275 -10.69 4.70 -18.34
C VAL A 275 -10.90 5.79 -17.29
N ALA A 276 -10.64 7.05 -17.64
CA ALA A 276 -10.77 8.12 -16.67
C ALA A 276 -12.22 8.21 -16.20
N PRO A 277 -12.45 8.55 -14.92
CA PRO A 277 -11.45 8.96 -13.93
C PRO A 277 -10.83 7.80 -13.12
N ARG A 278 -10.88 6.58 -13.64
CA ARG A 278 -10.21 5.45 -13.01
C ARG A 278 -8.73 5.45 -13.41
N ALA A 279 -7.98 4.48 -12.89
CA ALA A 279 -6.53 4.47 -13.00
C ALA A 279 -6.08 3.52 -14.08
N MET A 280 -4.97 3.88 -14.73
CA MET A 280 -4.35 3.02 -15.74
CA MET A 280 -4.37 3.04 -15.77
C MET A 280 -2.88 3.37 -15.89
N ILE A 281 -2.05 2.35 -16.03
CA ILE A 281 -0.67 2.52 -16.48
C ILE A 281 -0.43 1.49 -17.57
N SER A 282 0.11 1.95 -18.70
CA SER A 282 0.47 1.05 -19.78
C SER A 282 1.98 1.09 -19.97
N PHE A 283 2.53 -0.01 -20.48
CA PHE A 283 3.96 -0.20 -20.63
C PHE A 283 4.28 -0.53 -22.09
N GLU A 284 5.35 0.05 -22.61
CA GLU A 284 5.69 -0.15 -24.01
C GLU A 284 7.19 -0.38 -24.14
N ASN A 285 7.58 -0.84 -25.32
CA ASN A 285 8.91 -1.37 -25.59
C ASN A 285 9.37 -0.84 -26.95
N THR A 286 10.44 -0.06 -26.95
CA THR A 286 10.90 0.56 -28.18
C THR A 286 11.75 -0.38 -29.03
N ASP A 287 12.03 -1.60 -28.56
CA ASP A 287 12.84 -2.52 -29.35
C ASP A 287 12.12 -2.99 -30.61
N TYR A 288 10.79 -2.93 -30.65
CA TYR A 288 10.01 -3.53 -31.72
C TYR A 288 9.22 -2.44 -32.43
N LEU A 289 9.72 -2.02 -33.59
CA LEU A 289 9.02 -0.99 -34.36
C LEU A 289 7.60 -1.43 -34.71
N TRP A 290 7.34 -2.74 -34.78
CA TRP A 290 5.99 -3.21 -35.03
C TRP A 290 4.99 -2.61 -34.05
N LEU A 291 5.42 -2.35 -32.81
CA LEU A 291 4.53 -1.78 -31.81
C LEU A 291 4.22 -0.31 -32.05
N SER A 292 4.89 0.33 -33.00
CA SER A 292 4.66 1.75 -33.30
C SER A 292 5.00 2.61 -32.09
N PRO A 293 6.28 2.69 -31.71
CA PRO A 293 6.63 3.37 -30.44
C PRO A 293 6.24 4.83 -30.36
N MET A 294 6.59 5.65 -31.36
CA MET A 294 6.22 7.07 -31.28
C MET A 294 4.70 7.22 -31.15
N SER A 295 3.95 6.38 -31.86
CA SER A 295 2.50 6.50 -31.84
C SER A 295 1.93 6.25 -30.43
N SER A 296 2.51 5.30 -29.69
CA SER A 296 2.06 5.07 -28.32
C SER A 296 2.36 6.26 -27.42
N PHE A 297 3.56 6.83 -27.52
CA PHE A 297 3.89 7.94 -26.64
C PHE A 297 3.01 9.16 -26.93
N GLY A 298 2.79 9.45 -28.22
CA GLY A 298 1.94 10.59 -28.55
C GLY A 298 0.48 10.34 -28.23
N CYS A 299 0.01 9.11 -28.50
CA CYS A 299 -1.35 8.73 -28.17
C CYS A 299 -1.62 8.88 -26.67
N MET A 300 -0.72 8.35 -25.84
CA MET A 300 -0.95 8.43 -24.39
C MET A 300 -0.70 9.83 -23.85
N THR A 301 0.23 10.58 -24.44
CA THR A 301 0.36 11.99 -24.10
C THR A 301 -0.96 12.73 -24.36
N ALA A 302 -1.61 12.44 -25.49
CA ALA A 302 -2.91 13.05 -25.78
C ALA A 302 -3.96 12.61 -24.77
N ALA A 303 -4.03 11.30 -24.50
CA ALA A 303 -5.00 10.80 -23.52
C ALA A 303 -4.78 11.41 -22.14
N HIS A 304 -3.52 11.59 -21.75
CA HIS A 304 -3.18 12.14 -20.43
C HIS A 304 -3.86 13.48 -20.16
N THR A 305 -4.08 14.29 -21.20
CA THR A 305 -4.70 15.60 -20.98
C THR A 305 -6.09 15.46 -20.36
N VAL A 306 -6.76 14.33 -20.59
CA VAL A 306 -8.07 14.14 -19.97
C VAL A 306 -7.92 14.03 -18.46
N TRP A 307 -7.02 13.15 -17.99
CA TRP A 307 -6.79 13.05 -16.55
C TRP A 307 -6.30 14.39 -15.99
N GLN A 308 -5.44 15.10 -16.74
CA GLN A 308 -5.00 16.41 -16.29
C GLN A 308 -6.18 17.37 -16.17
N GLY A 309 -7.07 17.39 -17.16
CA GLY A 309 -8.23 18.26 -17.08
C GLY A 309 -9.14 17.93 -15.92
N LEU A 310 -9.16 16.65 -15.50
CA LEU A 310 -9.96 16.23 -14.34
C LEU A 310 -9.21 16.42 -13.01
N GLY A 311 -8.00 16.97 -13.05
CA GLY A 311 -7.24 17.18 -11.84
C GLY A 311 -6.71 15.91 -11.20
N ILE A 312 -6.59 14.82 -11.97
CA ILE A 312 -6.10 13.54 -11.44
C ILE A 312 -5.04 12.97 -12.37
N ALA A 313 -4.04 13.80 -12.71
CA ALA A 313 -3.00 13.38 -13.64
C ALA A 313 -2.27 12.14 -13.16
N ASP A 314 -2.06 12.00 -11.85
CA ASP A 314 -1.32 10.90 -11.26
CA ASP A 314 -1.29 10.88 -11.34
C ASP A 314 -2.07 9.58 -11.30
N SER A 315 -3.30 9.54 -11.81
CA SER A 315 -4.01 8.28 -11.96
C SER A 315 -3.73 7.60 -13.30
N HIS A 316 -2.96 8.22 -14.18
CA HIS A 316 -2.66 7.69 -15.51
C HIS A 316 -1.16 7.68 -15.69
N GLY A 317 -0.60 6.49 -15.94
CA GLY A 317 0.84 6.36 -16.12
C GLY A 317 1.21 5.81 -17.47
N PHE A 318 2.44 6.09 -17.91
CA PHE A 318 2.96 5.53 -19.14
C PHE A 318 4.47 5.40 -18.97
N ALA A 319 5.00 4.21 -19.27
CA ALA A 319 6.43 3.94 -19.14
C ALA A 319 6.85 3.18 -20.39
N GLN A 320 7.83 3.73 -21.11
CA GLN A 320 8.28 3.19 -22.38
C GLN A 320 9.79 3.12 -22.34
N VAL A 321 10.34 1.91 -22.49
CA VAL A 321 11.76 1.65 -22.43
C VAL A 321 12.12 0.68 -23.56
N GLY A 322 13.41 0.38 -23.67
CA GLY A 322 13.87 -0.63 -24.59
C GLY A 322 14.74 -1.66 -23.91
N GLY A 323 15.35 -2.55 -24.68
CA GLY A 323 16.33 -3.47 -24.15
C GLY A 323 15.79 -4.72 -23.47
N HIS A 324 14.70 -5.28 -23.98
CA HIS A 324 14.21 -6.56 -23.46
C HIS A 324 13.26 -7.18 -24.48
N ALA A 325 13.10 -8.49 -24.37
CA ALA A 325 12.26 -9.22 -25.31
C ALA A 325 10.79 -8.84 -25.15
N HIS A 326 10.04 -9.04 -26.22
CA HIS A 326 8.60 -8.74 -26.23
C HIS A 326 7.88 -9.57 -25.17
N CYS A 327 7.20 -8.88 -24.25
CA CYS A 327 6.43 -9.45 -23.14
C CYS A 327 7.31 -10.01 -22.04
N ALA A 328 8.63 -9.87 -22.12
CA ALA A 328 9.48 -10.07 -20.96
C ALA A 328 9.39 -8.86 -20.05
N TRP A 329 9.30 -9.11 -18.74
CA TRP A 329 9.14 -8.02 -17.80
C TRP A 329 10.51 -7.51 -17.35
N PRO A 330 10.87 -6.25 -17.62
CA PRO A 330 12.15 -5.73 -17.11
C PRO A 330 12.02 -5.30 -15.66
N SER A 331 12.94 -5.79 -14.82
CA SER A 331 12.89 -5.44 -13.40
C SER A 331 12.98 -3.94 -13.18
N SER A 332 13.52 -3.18 -14.13
CA SER A 332 13.62 -1.75 -13.96
C SER A 332 12.26 -1.07 -13.85
N LEU A 333 11.20 -1.70 -14.34
CA LEU A 333 9.86 -1.11 -14.30
C LEU A 333 9.01 -1.63 -13.15
N THR A 334 9.51 -2.58 -12.38
CA THR A 334 8.72 -3.12 -11.29
C THR A 334 8.30 -2.06 -10.28
N PRO A 335 9.13 -1.10 -9.89
CA PRO A 335 8.65 -0.06 -8.95
C PRO A 335 7.48 0.73 -9.49
N GLN A 336 7.49 1.05 -10.79
CA GLN A 336 6.38 1.80 -11.39
C GLN A 336 5.10 0.97 -11.40
N LEU A 337 5.21 -0.30 -11.82
CA LEU A 337 4.06 -1.19 -11.79
C LEU A 337 3.52 -1.33 -10.36
N ASN A 338 4.40 -1.62 -9.41
CA ASN A 338 3.96 -1.82 -8.03
C ASN A 338 3.35 -0.56 -7.44
N ALA A 339 3.82 0.62 -7.84
CA ALA A 339 3.23 1.85 -7.33
C ALA A 339 1.75 1.94 -7.67
N PHE A 340 1.39 1.62 -8.92
CA PHE A 340 -0.02 1.66 -9.31
C PHE A 340 -0.82 0.56 -8.63
N ILE A 341 -0.30 -0.67 -8.60
CA ILE A 341 -0.98 -1.73 -7.89
C ILE A 341 -1.11 -1.38 -6.41
N ASN A 342 -0.01 -0.91 -5.81
CA ASN A 342 -0.06 -0.62 -4.38
C ASN A 342 -1.11 0.44 -4.06
N ARG A 343 -1.18 1.49 -4.88
CA ARG A 343 -2.11 2.58 -4.57
C ARG A 343 -3.55 2.21 -4.91
N PHE A 344 -3.79 1.65 -6.09
CA PHE A 344 -5.15 1.53 -6.58
C PHE A 344 -5.79 0.18 -6.32
N LEU A 345 -5.00 -0.85 -6.02
CA LEU A 345 -5.54 -2.13 -5.60
C LEU A 345 -5.28 -2.46 -4.14
N LEU A 346 -4.19 -1.98 -3.55
CA LEU A 346 -3.83 -2.34 -2.19
C LEU A 346 -4.01 -1.20 -1.19
N ASP A 347 -4.48 -0.03 -1.63
CA ASP A 347 -4.85 1.07 -0.73
C ASP A 347 -3.65 1.65 0.02
N GLN A 348 -2.45 1.54 -0.54
CA GLN A 348 -1.28 2.18 0.03
C GLN A 348 -1.17 3.62 -0.49
N SER A 349 -0.41 4.42 0.25
CA SER A 349 -0.14 5.81 -0.14
C SER A 349 1.06 5.90 -1.07
N ALA A 350 1.08 5.08 -2.10
CA ALA A 350 2.14 5.15 -3.10
C ALA A 350 1.89 6.32 -4.05
N THR A 351 2.96 7.00 -4.44
CA THR A 351 2.85 8.06 -5.44
C THR A 351 2.98 7.43 -6.82
N THR A 352 2.17 7.90 -7.77
CA THR A 352 2.04 7.22 -9.05
C THR A 352 2.28 8.19 -10.20
N ASN A 353 3.28 9.04 -10.06
CA ASN A 353 3.64 10.02 -11.09
C ASN A 353 4.65 9.34 -12.01
N VAL A 354 4.15 8.75 -13.09
CA VAL A 354 4.96 7.94 -13.99
C VAL A 354 4.57 8.28 -15.43
N PHE A 355 5.44 8.98 -16.13
CA PHE A 355 5.18 9.27 -17.54
C PHE A 355 6.54 9.47 -18.22
N THR A 356 7.06 8.39 -18.78
CA THR A 356 8.46 8.36 -19.17
C THR A 356 8.62 7.63 -20.50
N THR A 357 9.52 8.14 -21.33
CA THR A 357 9.92 7.47 -22.56
C THR A 357 11.41 7.73 -22.76
N ASN A 358 12.03 6.89 -23.58
CA ASN A 358 13.41 7.08 -23.99
C ASN A 358 13.53 7.80 -25.33
N ASN A 359 12.40 8.13 -25.97
CA ASN A 359 12.40 8.87 -27.23
C ASN A 359 13.05 8.09 -28.37
N GLN A 360 13.10 6.76 -28.27
CA GLN A 360 13.69 5.92 -29.30
C GLN A 360 12.62 5.59 -30.33
N PHE A 361 12.39 6.51 -31.26
CA PHE A 361 11.25 6.40 -32.16
C PHE A 361 11.64 6.09 -33.60
N GLY A 362 12.92 5.88 -33.87
CA GLY A 362 13.32 5.52 -35.23
C GLY A 362 13.29 6.71 -36.17
N LYS A 363 12.60 6.53 -37.29
CA LYS A 363 12.65 7.48 -38.41
C LYS A 363 11.70 8.66 -38.25
N VAL A 364 10.95 8.74 -37.15
CA VAL A 364 10.09 9.89 -36.90
C VAL A 364 10.40 10.42 -35.50
N GLN A 365 9.88 11.63 -35.23
CA GLN A 365 9.89 12.22 -33.92
C GLN A 365 8.46 12.57 -33.50
N TRP A 366 8.28 12.80 -32.20
CA TRP A 366 7.01 13.27 -31.67
C TRP A 366 7.03 14.79 -31.62
N ASN A 367 6.05 15.41 -32.27
CA ASN A 367 5.90 16.87 -32.24
C ASN A 367 4.46 17.17 -31.83
N ALA A 368 4.28 17.53 -30.56
CA ALA A 368 2.94 17.66 -29.99
C ALA A 368 2.11 18.68 -30.76
N ALA A 369 2.73 19.76 -31.23
CA ALA A 369 1.97 20.78 -31.95
C ALA A 369 1.43 20.27 -33.28
N ASN A 370 1.97 19.17 -33.81
CA ASN A 370 1.47 18.63 -35.07
C ASN A 370 0.31 17.66 -34.88
N TRP A 371 -0.07 17.37 -33.64
CA TRP A 371 -1.08 16.35 -33.38
C TRP A 371 -2.12 16.75 -32.34
N ILE A 372 -1.78 17.57 -31.36
CA ILE A 372 -2.69 17.99 -30.30
C ILE A 372 -3.00 19.46 -30.52
N THR A 373 -4.28 19.78 -30.71
CA THR A 373 -4.67 21.14 -31.00
C THR A 373 -5.47 21.79 -29.89
N TRP A 374 -5.82 21.05 -28.85
CA TRP A 374 -6.65 21.58 -27.79
C TRP A 374 -5.81 22.10 -26.63
N THR A 375 -6.37 23.07 -25.91
CA THR A 375 -5.84 23.53 -24.64
C THR A 375 -6.58 22.81 -23.53
N THR A 376 -5.84 22.16 -22.64
CA THR A 376 -6.50 21.38 -21.60
C THR A 376 -7.29 22.28 -20.66
N PRO A 377 -8.62 22.15 -20.59
CA PRO A 377 -9.38 22.97 -19.65
C PRO A 377 -9.28 22.43 -18.23
N THR A 378 -9.58 23.30 -17.27
CA THR A 378 -9.68 22.87 -15.88
C THR A 378 -11.15 22.58 -15.59
N LEU A 379 -11.52 21.31 -15.69
CA LEU A 379 -12.91 20.91 -15.53
C LEU A 379 -13.36 21.04 -14.08
N THR A 380 -14.50 21.68 -13.87
CA THR A 380 -14.94 22.15 -12.56
C THR A 380 -15.91 21.18 -11.89
N GLY A 381 -16.08 21.35 -10.58
CA GLY A 381 -17.14 20.69 -9.85
C GLY A 381 -16.76 19.38 -9.17
N CYS B 3 -12.36 14.62 21.78
CA CYS B 3 -11.20 14.82 20.90
C CYS B 3 -11.59 15.11 19.46
N GLY B 4 -12.86 14.88 19.12
CA GLY B 4 -13.29 15.03 17.75
C GLY B 4 -12.60 14.05 16.82
N ALA B 5 -12.90 14.11 15.52
CA ALA B 5 -12.30 13.20 14.56
C ALA B 5 -10.79 13.43 14.48
N ILE B 6 -10.02 12.40 14.80
CA ILE B 6 -8.57 12.53 14.80
C ILE B 6 -8.04 12.36 13.39
N ALA B 7 -7.06 13.18 13.04
CA ALA B 7 -6.39 13.08 11.76
C ALA B 7 -5.44 11.89 11.76
N SER B 8 -5.47 11.10 10.68
CA SER B 8 -4.50 10.04 10.47
C SER B 8 -3.58 10.32 9.28
N THR B 9 -3.82 11.39 8.54
CA THR B 9 -3.02 11.76 7.39
C THR B 9 -2.94 13.28 7.36
N VAL B 10 -1.78 13.82 6.99
CA VAL B 10 -1.60 15.26 6.82
C VAL B 10 -1.01 15.49 5.44
N PRO B 11 -1.84 15.55 4.39
CA PRO B 11 -1.30 15.44 3.03
C PRO B 11 -0.29 16.50 2.66
N ASN B 12 -0.39 17.70 3.22
CA ASN B 12 0.51 18.75 2.76
CA ASN B 12 0.43 18.85 2.83
C ASN B 12 1.58 19.11 3.79
N TYR B 13 1.84 18.19 4.73
CA TYR B 13 2.89 18.42 5.71
C TYR B 13 4.25 18.39 5.03
N ASN B 14 5.13 19.30 5.43
CA ASN B 14 6.48 19.31 4.87
C ASN B 14 7.36 20.13 5.82
N ASN B 15 8.09 19.41 6.68
CA ASN B 15 8.88 20.02 7.76
C ASN B 15 10.17 19.23 7.90
N ALA B 16 11.29 19.84 7.52
CA ALA B 16 12.59 19.18 7.62
C ALA B 16 13.05 18.99 9.05
N LYS B 17 12.53 19.81 9.98
CA LYS B 17 12.88 19.68 11.38
C LYS B 17 11.86 18.76 12.07
N LEU B 18 11.99 18.61 13.37
CA LEU B 18 11.15 17.66 14.09
C LEU B 18 9.72 18.17 14.22
N PRO B 19 8.71 17.35 13.91
CA PRO B 19 7.32 17.76 14.14
C PRO B 19 7.09 18.22 15.58
N ASP B 20 6.26 19.24 15.72
CA ASP B 20 6.01 19.89 17.01
C ASP B 20 5.01 19.07 17.82
N PRO B 21 5.39 18.57 19.01
CA PRO B 21 4.42 17.80 19.81
C PRO B 21 3.21 18.60 20.24
N PHE B 22 3.32 19.93 20.34
CA PHE B 22 2.36 20.74 21.08
C PHE B 22 1.36 21.46 20.18
N THR B 23 1.28 21.07 18.91
CA THR B 23 0.28 21.61 18.01
C THR B 23 -0.38 20.44 17.28
N PHE B 24 -1.71 20.39 17.35
CA PHE B 24 -2.47 19.39 16.61
C PHE B 24 -2.28 19.58 15.11
N ALA B 25 -2.62 18.53 14.35
CA ALA B 25 -2.57 18.61 12.89
C ALA B 25 -3.39 19.79 12.37
N ASN B 26 -4.55 20.07 12.97
CA ASN B 26 -5.41 21.15 12.49
C ASN B 26 -4.91 22.54 12.86
N GLY B 27 -3.77 22.66 13.54
CA GLY B 27 -3.22 23.94 13.91
C GLY B 27 -3.57 24.43 15.29
N THR B 28 -4.44 23.71 16.01
CA THR B 28 -4.78 24.07 17.38
C THR B 28 -3.61 23.77 18.31
N ALA B 29 -3.26 24.75 19.15
CA ALA B 29 -2.18 24.55 20.11
C ALA B 29 -2.68 23.84 21.36
N LEU B 30 -1.87 22.89 21.86
CA LEU B 30 -2.18 22.24 23.13
C LEU B 30 -2.02 23.23 24.28
N ARG B 31 -2.96 23.18 25.22
CA ARG B 31 -2.95 24.07 26.38
CA ARG B 31 -2.94 24.08 26.37
C ARG B 31 -3.08 23.33 27.69
N THR B 32 -3.85 22.24 27.71
CA THR B 32 -4.16 21.50 28.93
C THR B 32 -3.57 20.10 28.88
N LYS B 33 -3.51 19.46 30.05
CA LYS B 33 -3.07 18.08 30.12
C LYS B 33 -4.06 17.16 29.41
N ALA B 34 -5.36 17.47 29.52
CA ALA B 34 -6.35 16.71 28.76
C ALA B 34 -6.06 16.77 27.28
N ASP B 35 -5.60 17.93 26.79
CA ASP B 35 -5.24 18.04 25.38
C ASP B 35 -4.18 17.02 24.98
N TRP B 36 -3.25 16.70 25.87
CA TRP B 36 -2.22 15.73 25.52
C TRP B 36 -2.84 14.36 25.25
N SER B 37 -3.87 14.00 26.00
CA SER B 37 -4.57 12.74 25.74
C SER B 37 -5.05 12.69 24.31
N CYS B 38 -5.67 13.77 23.83
CA CYS B 38 -6.14 13.81 22.45
C CYS B 38 -4.98 13.82 21.46
N ARG B 39 -3.93 14.60 21.75
CA ARG B 39 -2.79 14.65 20.84
C ARG B 39 -2.10 13.30 20.76
N ARG B 40 -2.02 12.59 21.89
CA ARG B 40 -1.46 11.24 21.87
C ARG B 40 -2.28 10.33 20.95
N ALA B 41 -3.61 10.45 21.00
CA ALA B 41 -4.46 9.63 20.14
C ALA B 41 -4.25 9.99 18.67
N GLU B 42 -4.08 11.28 18.38
CA GLU B 42 -3.78 11.69 17.00
C GLU B 42 -2.43 11.16 16.55
N ILE B 43 -1.41 11.28 17.42
CA ILE B 43 -0.08 10.74 17.11
C ILE B 43 -0.16 9.25 16.84
N SER B 44 -0.91 8.52 17.68
CA SER B 44 -1.08 7.09 17.46
C SER B 44 -1.63 6.80 16.06
N ALA B 45 -2.65 7.55 15.64
CA ALA B 45 -3.22 7.32 14.31
C ALA B 45 -2.23 7.68 13.21
N LEU B 46 -1.47 8.77 13.37
CA LEU B 46 -0.47 9.14 12.38
C LEU B 46 0.60 8.06 12.27
N ILE B 47 1.10 7.58 13.41
CA ILE B 47 2.16 6.58 13.38
C ILE B 47 1.68 5.29 12.70
N GLN B 48 0.45 4.86 13.02
CA GLN B 48 -0.11 3.69 12.34
C GLN B 48 -0.23 3.91 10.85
N ASN B 49 -0.71 5.10 10.44
CA ASN B 49 -0.94 5.35 9.03
C ASN B 49 0.36 5.43 8.24
N TYR B 50 1.42 6.01 8.83
CA TYR B 50 2.64 6.27 8.07
C TYR B 50 3.69 5.16 8.18
N GLU B 51 3.85 4.51 9.34
CA GLU B 51 4.96 3.58 9.48
C GLU B 51 4.65 2.27 10.20
N ALA B 52 3.60 2.16 11.02
CA ALA B 52 3.43 0.97 11.85
C ALA B 52 2.31 0.03 11.40
N GLY B 53 1.39 0.47 10.55
CA GLY B 53 0.25 -0.35 10.21
C GLY B 53 -0.79 -0.36 11.32
N THR B 54 -1.86 -1.09 11.07
CA THR B 54 -3.03 -1.04 11.95
C THR B 54 -2.86 -1.97 13.16
N LEU B 55 -3.06 -1.41 14.35
CA LEU B 55 -3.03 -2.18 15.58
C LEU B 55 -4.45 -2.64 15.90
N PRO B 56 -4.80 -3.91 15.70
CA PRO B 56 -6.16 -4.35 15.99
C PRO B 56 -6.45 -4.29 17.47
N PRO B 57 -7.73 -4.11 17.87
CA PRO B 57 -8.06 -4.09 19.29
C PRO B 57 -8.08 -5.50 19.86
N LYS B 58 -8.53 -5.63 21.11
CA LYS B 58 -8.65 -6.96 21.71
C LYS B 58 -9.64 -7.80 20.92
N PRO B 59 -9.32 -9.05 20.60
CA PRO B 59 -10.24 -9.88 19.82
C PRO B 59 -11.32 -10.48 20.72
N PRO B 60 -12.35 -11.09 20.12
CA PRO B 60 -13.45 -11.64 20.95
C PRO B 60 -13.00 -12.75 21.89
N VAL B 61 -11.96 -13.52 21.54
CA VAL B 61 -11.54 -14.67 22.32
C VAL B 61 -10.15 -14.38 22.88
N VAL B 62 -10.05 -14.34 24.22
CA VAL B 62 -8.77 -14.31 24.93
C VAL B 62 -8.95 -15.09 26.22
N THR B 63 -8.34 -16.27 26.30
CA THR B 63 -8.43 -17.12 27.48
C THR B 63 -7.03 -17.59 27.85
N ALA B 64 -6.86 -17.98 29.12
CA ALA B 64 -5.56 -18.42 29.60
C ALA B 64 -5.72 -19.45 30.70
N SER B 65 -4.74 -20.35 30.78
CA SER B 65 -4.59 -21.24 31.91
C SER B 65 -3.14 -21.13 32.39
N PHE B 66 -2.93 -21.42 33.67
CA PHE B 66 -1.65 -21.18 34.31
C PHE B 66 -1.24 -22.41 35.12
N SER B 67 0.03 -22.77 35.03
CA SER B 67 0.62 -23.81 35.86
C SER B 67 2.03 -23.37 36.23
N LYS B 68 2.55 -23.98 37.30
CA LYS B 68 3.84 -23.57 37.84
C LYS B 68 4.64 -24.82 38.21
N SER B 69 5.91 -24.81 37.83
CA SER B 69 6.86 -25.86 38.21
C SER B 69 8.08 -25.18 38.81
N GLY B 70 8.41 -25.52 40.05
CA GLY B 70 9.47 -24.79 40.72
C GLY B 70 9.14 -23.31 40.76
N ASN B 71 10.09 -22.47 40.35
CA ASN B 71 9.90 -21.03 40.31
C ASN B 71 9.57 -20.51 38.92
N THR B 72 9.05 -21.36 38.05
CA THR B 72 8.72 -20.98 36.68
C THR B 72 7.24 -21.25 36.42
N GLY B 73 6.50 -20.21 36.06
CA GLY B 73 5.13 -20.35 35.63
C GLY B 73 5.05 -20.36 34.12
N THR B 74 4.06 -21.09 33.60
CA THR B 74 3.74 -21.07 32.18
C THR B 74 2.32 -20.56 32.02
N LEU B 75 2.17 -19.45 31.31
CA LEU B 75 0.87 -18.82 31.06
C LEU B 75 0.45 -19.16 29.64
N ALA B 76 -0.40 -20.18 29.49
CA ALA B 76 -0.82 -20.68 28.19
C ALA B 76 -2.01 -19.85 27.72
N ILE B 77 -1.81 -19.09 26.64
CA ILE B 77 -2.77 -18.10 26.19
C ILE B 77 -3.40 -18.56 24.87
N THR B 78 -4.72 -18.43 24.78
CA THR B 78 -5.45 -18.63 23.52
C THR B 78 -6.13 -17.32 23.14
N ALA B 79 -5.89 -16.87 21.91
CA ALA B 79 -6.49 -15.64 21.40
C ALA B 79 -7.03 -15.90 20.00
N GLY B 80 -8.17 -15.30 19.69
CA GLY B 80 -8.75 -15.56 18.38
C GLY B 80 -9.87 -14.60 18.05
N LEU B 81 -10.25 -14.62 16.76
CA LEU B 81 -11.40 -13.86 16.29
C LEU B 81 -12.71 -14.62 16.50
N SER B 82 -12.61 -15.93 16.75
CA SER B 82 -13.74 -16.77 17.11
C SER B 82 -13.15 -18.04 17.72
N ASN B 83 -14.02 -18.88 18.28
CA ASN B 83 -13.52 -20.11 18.86
C ASN B 83 -12.96 -21.07 17.81
N SER B 84 -13.32 -20.91 16.54
CA SER B 84 -12.80 -21.77 15.48
C SER B 84 -11.55 -21.23 14.82
N GLN B 85 -11.06 -20.05 15.23
CA GLN B 85 -9.90 -19.42 14.60
C GLN B 85 -9.06 -18.78 15.70
N THR B 86 -8.17 -19.58 16.28
CA THR B 86 -7.38 -19.15 17.42
C THR B 86 -5.91 -19.47 17.19
N ILE B 87 -5.07 -18.79 17.98
CA ILE B 87 -3.65 -19.10 18.07
C ILE B 87 -3.31 -19.26 19.55
N LYS B 88 -2.24 -20.00 19.81
CA LYS B 88 -1.81 -20.27 21.17
C LYS B 88 -0.35 -19.89 21.32
N PHE B 89 -0.01 -19.32 22.48
CA PHE B 89 1.38 -19.08 22.83
C PHE B 89 1.47 -19.07 24.34
N SER B 90 2.61 -19.51 24.87
CA SER B 90 2.77 -19.81 26.30
C SER B 90 4.03 -19.19 26.86
N PRO B 91 4.02 -17.88 27.11
CA PRO B 91 5.19 -17.26 27.75
C PRO B 91 5.39 -17.84 29.15
N THR B 92 6.64 -17.79 29.60
CA THR B 92 7.00 -18.27 30.94
C THR B 92 7.34 -17.09 31.83
N ILE B 93 7.20 -17.31 33.14
CA ILE B 93 7.48 -16.30 34.16
C ILE B 93 8.46 -16.87 35.16
N SER B 94 9.56 -16.14 35.40
CA SER B 94 10.53 -16.52 36.43
C SER B 94 10.20 -15.74 37.69
N TYR B 95 9.98 -16.46 38.79
CA TYR B 95 9.51 -15.78 40.00
C TYR B 95 10.62 -15.64 41.01
N PRO B 96 10.65 -14.50 41.70
CA PRO B 96 11.52 -14.38 42.88
C PRO B 96 11.13 -15.42 43.91
N SER B 97 12.10 -15.83 44.72
CA SER B 97 11.81 -16.75 45.81
C SER B 97 11.16 -16.00 46.96
N GLY B 98 10.27 -16.70 47.66
CA GLY B 98 9.63 -16.17 48.85
C GLY B 98 8.16 -15.85 48.62
N THR B 99 7.55 -15.29 49.68
CA THR B 99 6.14 -14.93 49.66
C THR B 99 5.93 -13.67 48.83
N PRO B 100 5.04 -13.72 47.84
CA PRO B 100 4.80 -12.52 47.02
C PRO B 100 4.10 -11.44 47.83
N PRO B 101 4.19 -10.19 47.40
CA PRO B 101 3.38 -9.14 48.03
C PRO B 101 1.90 -9.47 47.91
N ALA B 102 1.09 -8.81 48.74
CA ALA B 102 -0.32 -9.19 48.88
C ALA B 102 -1.05 -9.16 47.54
N ASN B 103 -0.70 -8.20 46.68
CA ASN B 103 -1.38 -8.04 45.39
C ASN B 103 -0.59 -8.59 44.22
N GLY B 104 0.46 -9.38 44.47
CA GLY B 104 1.21 -10.02 43.43
C GLY B 104 2.54 -9.35 43.18
N TRP B 105 3.37 -10.04 42.40
CA TRP B 105 4.70 -9.54 42.05
C TRP B 105 4.59 -8.47 40.98
N PRO B 106 5.33 -7.35 41.11
CA PRO B 106 5.62 -6.54 39.92
C PRO B 106 6.26 -7.42 38.85
N LEU B 107 6.05 -7.04 37.60
CA LEU B 107 6.46 -7.90 36.48
C LEU B 107 7.08 -7.06 35.37
N ILE B 108 8.17 -7.57 34.79
CA ILE B 108 8.74 -6.99 33.58
C ILE B 108 8.56 -8.00 32.46
N ILE B 109 7.85 -7.58 31.41
CA ILE B 109 7.71 -8.37 30.19
C ILE B 109 8.97 -8.12 29.37
N ALA B 110 9.80 -9.15 29.21
CA ALA B 110 11.10 -9.02 28.56
C ALA B 110 11.06 -9.73 27.22
N TYR B 111 11.14 -8.97 26.14
CA TYR B 111 11.20 -9.54 24.80
C TYR B 111 12.37 -10.51 24.71
N GLU B 112 12.07 -11.79 24.49
CA GLU B 112 13.08 -12.84 24.37
C GLU B 112 14.06 -12.82 25.53
N GLY B 113 13.57 -12.48 26.72
CA GLY B 113 14.37 -12.49 27.93
C GLY B 113 15.03 -11.17 28.28
N GLY B 114 15.17 -10.27 27.31
CA GLY B 114 15.79 -8.97 27.57
C GLY B 114 17.28 -9.11 27.82
N SER B 115 17.91 -7.96 28.04
CA SER B 115 19.35 -7.93 28.33
C SER B 115 19.69 -6.97 29.47
N ILE B 116 18.74 -6.69 30.36
CA ILE B 116 19.00 -5.91 31.56
C ILE B 116 18.97 -6.82 32.78
N PRO B 117 19.71 -6.51 33.84
CA PRO B 117 19.54 -7.25 35.09
C PRO B 117 18.25 -6.83 35.78
N ILE B 118 17.56 -7.80 36.36
CA ILE B 118 16.26 -7.60 36.97
C ILE B 118 16.43 -7.70 38.48
N PRO B 119 16.11 -6.66 39.25
CA PRO B 119 16.43 -6.68 40.68
C PRO B 119 15.53 -7.64 41.44
N ALA B 120 15.90 -7.87 42.70
CA ALA B 120 15.08 -8.70 43.57
C ALA B 120 13.67 -8.15 43.67
N GLY B 121 12.71 -9.05 43.88
CA GLY B 121 11.33 -8.63 44.06
C GLY B 121 10.57 -8.32 42.80
N VAL B 122 11.13 -8.61 41.62
CA VAL B 122 10.44 -8.40 40.36
C VAL B 122 10.44 -9.70 39.57
N ALA B 123 9.26 -10.08 39.08
CA ALA B 123 9.14 -11.27 38.24
C ALA B 123 9.47 -10.91 36.79
N THR B 124 9.99 -11.88 36.06
CA THR B 124 10.39 -11.69 34.66
C THR B 124 9.58 -12.63 33.77
N LEU B 125 8.85 -12.07 32.83
CA LEU B 125 8.13 -12.86 31.83
C LEU B 125 8.90 -12.83 30.52
N THR B 126 9.16 -14.00 29.96
CA THR B 126 9.88 -14.11 28.69
C THR B 126 8.87 -14.21 27.55
N TYR B 127 8.84 -13.18 26.71
CA TYR B 127 7.93 -13.08 25.57
C TYR B 127 8.68 -13.44 24.29
N SER B 128 8.23 -14.50 23.61
CA SER B 128 8.87 -14.93 22.36
C SER B 128 8.21 -14.16 21.21
N ASN B 129 8.58 -12.89 21.10
CA ASN B 129 7.91 -12.02 20.13
C ASN B 129 8.13 -12.51 18.70
N SER B 130 9.24 -13.19 18.43
CA SER B 130 9.49 -13.63 17.07
C SER B 130 8.49 -14.69 16.61
N ASP B 131 7.91 -15.46 17.54
CA ASP B 131 6.82 -16.36 17.18
C ASP B 131 5.59 -15.59 16.72
N MET B 132 5.30 -14.46 17.40
CA MET B 132 4.12 -13.67 17.12
C MET B 132 4.21 -13.00 15.76
N ALA B 133 5.39 -12.45 15.43
CA ALA B 133 5.68 -11.94 14.09
C ALA B 133 7.15 -12.19 13.83
N GLN B 134 7.46 -12.98 12.80
CA GLN B 134 8.84 -13.32 12.51
C GLN B 134 9.61 -12.10 12.03
N GLN B 135 10.92 -12.14 12.22
CA GLN B 135 11.78 -10.99 11.92
C GLN B 135 13.16 -11.47 11.47
N ASN B 136 13.20 -12.42 10.54
CA ASN B 136 14.49 -12.86 10.00
C ASN B 136 15.00 -11.90 8.92
N SER B 137 14.10 -11.42 8.07
CA SER B 137 14.48 -10.56 6.94
C SER B 137 13.21 -10.08 6.27
N ALA B 138 13.36 -9.32 5.18
CA ALA B 138 12.20 -8.92 4.40
C ALA B 138 11.32 -10.11 4.05
N SER B 139 11.90 -11.31 3.96
CA SER B 139 11.15 -12.52 3.63
C SER B 139 10.18 -12.94 4.72
N SER B 140 10.29 -12.36 5.92
CA SER B 140 9.38 -12.68 7.02
C SER B 140 8.03 -11.99 6.91
N ARG B 141 7.81 -11.17 5.88
CA ARG B 141 6.63 -10.32 5.83
C ARG B 141 5.36 -11.15 5.93
N GLY B 142 4.50 -10.81 6.91
CA GLY B 142 3.24 -11.49 7.07
C GLY B 142 3.33 -12.88 7.67
N GLN B 143 4.46 -13.24 8.27
CA GLN B 143 4.66 -14.55 8.88
C GLN B 143 4.65 -14.41 10.40
N GLY B 144 3.87 -15.25 11.06
CA GLY B 144 3.75 -15.24 12.50
C GLY B 144 2.33 -15.56 12.95
N LEU B 145 2.21 -15.90 14.24
CA LEU B 145 0.91 -16.21 14.82
C LEU B 145 -0.10 -15.08 14.59
N PHE B 146 0.36 -13.83 14.76
CA PHE B 146 -0.53 -12.70 14.54
C PHE B 146 -1.17 -12.77 13.16
N TYR B 147 -0.37 -13.08 12.14
CA TYR B 147 -0.88 -13.04 10.78
C TYR B 147 -1.74 -14.25 10.44
N GLN B 148 -1.55 -15.37 11.15
CA GLN B 148 -2.50 -16.46 11.03
C GLN B 148 -3.90 -16.01 11.37
N LEU B 149 -4.04 -15.08 12.31
CA LEU B 149 -5.35 -14.58 12.71
C LEU B 149 -5.85 -13.49 11.77
N TYR B 150 -5.02 -12.48 11.52
CA TYR B 150 -5.47 -11.28 10.83
C TYR B 150 -5.17 -11.31 9.33
N GLY B 151 -4.38 -12.27 8.86
CA GLY B 151 -4.08 -12.40 7.45
C GLY B 151 -2.65 -11.98 7.13
N SER B 152 -2.03 -12.70 6.20
CA SER B 152 -0.63 -12.43 5.87
C SER B 152 -0.42 -11.05 5.24
N THR B 153 -1.45 -10.45 4.65
CA THR B 153 -1.30 -9.11 4.10
C THR B 153 -1.92 -8.03 4.99
N HIS B 154 -2.16 -8.33 6.27
CA HIS B 154 -2.58 -7.30 7.20
C HIS B 154 -1.51 -6.24 7.33
N SER B 155 -1.92 -4.97 7.50
CA SER B 155 -0.94 -3.88 7.44
C SER B 155 -0.03 -3.84 8.65
N ALA B 156 -0.41 -4.44 9.78
CA ALA B 156 0.41 -4.36 10.98
C ALA B 156 1.86 -4.75 10.70
N SER B 157 2.78 -3.89 11.10
CA SER B 157 4.19 -4.27 11.08
C SER B 157 4.44 -5.40 12.08
N ALA B 158 5.62 -6.02 11.97
CA ALA B 158 5.99 -7.04 12.95
C ALA B 158 5.96 -6.45 14.36
N MET B 159 6.43 -5.21 14.51
CA MET B 159 6.47 -4.61 15.83
C MET B 159 5.08 -4.28 16.33
N THR B 160 4.16 -3.91 15.43
CA THR B 160 2.78 -3.71 15.82
C THR B 160 2.14 -5.03 16.23
N ALA B 161 2.42 -6.09 15.48
CA ALA B 161 1.97 -7.42 15.88
C ALA B 161 2.52 -7.80 17.24
N TRP B 162 3.78 -7.44 17.52
CA TRP B 162 4.34 -7.73 18.84
C TRP B 162 3.57 -7.02 19.95
N VAL B 163 3.21 -5.74 19.71
CA VAL B 163 2.43 -5.01 20.71
C VAL B 163 1.13 -5.73 21.00
N TRP B 164 0.41 -6.14 19.94
CA TRP B 164 -0.84 -6.87 20.11
C TRP B 164 -0.66 -8.09 21.01
N GLY B 165 0.44 -8.81 20.83
CA GLY B 165 0.71 -9.95 21.71
C GLY B 165 0.92 -9.54 23.16
N VAL B 166 1.65 -8.44 23.38
CA VAL B 166 1.83 -7.95 24.74
C VAL B 166 0.49 -7.64 25.39
N SER B 167 -0.40 -6.98 24.64
CA SER B 167 -1.71 -6.65 25.18
C SER B 167 -2.50 -7.91 25.53
N ARG B 168 -2.36 -8.98 24.73
CA ARG B 168 -3.03 -10.22 25.09
C ARG B 168 -2.42 -10.85 26.34
N ILE B 169 -1.11 -10.66 26.54
CA ILE B 169 -0.46 -11.15 27.76
C ILE B 169 -1.02 -10.45 28.99
N ILE B 170 -1.19 -9.13 28.92
CA ILE B 170 -1.74 -8.42 30.07
C ILE B 170 -3.21 -8.79 30.26
N ASP B 171 -3.95 -8.94 29.16
CA ASP B 171 -5.31 -9.49 29.26
C ASP B 171 -5.32 -10.80 30.05
N ALA B 172 -4.37 -11.69 29.73
CA ALA B 172 -4.35 -13.00 30.35
C ALA B 172 -3.95 -12.91 31.83
N LEU B 173 -2.95 -12.08 32.13
CA LEU B 173 -2.55 -11.88 33.52
C LEU B 173 -3.71 -11.35 34.34
N GLU B 174 -4.48 -10.40 33.79
CA GLU B 174 -5.61 -9.85 34.53
C GLU B 174 -6.70 -10.89 34.77
N MET B 175 -6.76 -11.94 33.94
CA MET B 175 -7.74 -13.00 34.11
C MET B 175 -7.25 -14.14 35.00
N THR B 176 -6.01 -14.10 35.46
CA THR B 176 -5.36 -15.24 36.11
C THR B 176 -4.78 -14.84 37.45
N PRO B 177 -5.61 -14.79 38.50
CA PRO B 177 -5.07 -14.47 39.84
C PRO B 177 -3.99 -15.42 40.30
N THR B 178 -4.03 -16.68 39.88
CA THR B 178 -3.00 -17.62 40.31
C THR B 178 -1.62 -17.30 39.75
N ALA B 179 -1.53 -16.41 38.75
CA ALA B 179 -0.22 -15.97 38.27
C ALA B 179 0.49 -15.12 39.31
N GLN B 180 -0.22 -14.62 40.31
CA GLN B 180 0.37 -13.82 41.39
C GLN B 180 1.19 -12.67 40.84
N ILE B 181 0.60 -11.93 39.90
CA ILE B 181 1.22 -10.76 39.29
C ILE B 181 0.38 -9.54 39.63
N ASN B 182 1.03 -8.48 40.09
CA ASN B 182 0.38 -7.18 40.27
C ASN B 182 0.29 -6.53 38.90
N THR B 183 -0.88 -6.63 38.26
CA THR B 183 -0.97 -6.10 36.91
C THR B 183 -0.97 -4.57 36.87
N GLN B 184 -0.93 -3.91 38.02
CA GLN B 184 -0.74 -2.46 38.07
C GLN B 184 0.72 -2.06 38.09
N ARG B 185 1.65 -3.02 38.07
CA ARG B 185 3.07 -2.72 38.09
C ARG B 185 3.78 -3.62 37.07
N ILE B 186 3.48 -3.39 35.80
CA ILE B 186 4.09 -4.13 34.69
C ILE B 186 5.03 -3.20 33.94
N GLY B 187 6.24 -3.66 33.67
CA GLY B 187 7.16 -2.99 32.79
C GLY B 187 7.45 -3.84 31.57
N VAL B 188 8.14 -3.25 30.61
CA VAL B 188 8.52 -3.93 29.37
C VAL B 188 9.96 -3.58 29.03
N THR B 189 10.72 -4.55 28.51
CA THR B 189 12.09 -4.27 28.12
C THR B 189 12.48 -5.14 26.93
N GLY B 190 13.53 -4.70 26.24
CA GLY B 190 14.13 -5.45 25.15
C GLY B 190 15.39 -4.77 24.70
N CYS B 191 16.26 -5.54 24.04
CA CYS B 191 17.50 -4.99 23.51
C CYS B 191 17.56 -5.13 21.99
N SER B 192 18.19 -4.14 21.35
CA SER B 192 18.49 -4.17 19.92
C SER B 192 17.16 -4.18 19.17
N ARG B 193 16.95 -5.07 18.20
CA ARG B 193 15.66 -5.12 17.52
C ARG B 193 14.51 -5.30 18.51
N ASP B 194 14.73 -6.09 19.56
CA ASP B 194 13.71 -6.25 20.58
C ASP B 194 13.53 -4.99 21.42
N GLY B 195 14.50 -4.07 21.37
CA GLY B 195 14.38 -2.79 22.04
C GLY B 195 13.48 -1.84 21.26
N LYS B 196 13.60 -1.87 19.93
CA LYS B 196 12.58 -1.23 19.10
C LYS B 196 11.20 -1.72 19.50
N GLY B 197 11.06 -3.03 19.67
CA GLY B 197 9.76 -3.59 19.98
C GLY B 197 9.26 -3.15 21.34
N ALA B 198 10.15 -3.11 22.33
CA ALA B 198 9.75 -2.69 23.66
C ALA B 198 9.25 -1.25 23.66
N LEU B 199 9.95 -0.35 22.95
CA LEU B 199 9.48 1.03 22.85
C LEU B 199 8.08 1.08 22.26
N MET B 200 7.85 0.33 21.17
CA MET B 200 6.51 0.29 20.57
C MET B 200 5.47 -0.21 21.56
N ALA B 201 5.81 -1.25 22.33
CA ALA B 201 4.88 -1.77 23.32
C ALA B 201 4.52 -0.72 24.36
N GLY B 202 5.53 -0.07 24.93
CA GLY B 202 5.28 0.95 25.94
C GLY B 202 4.48 2.11 25.38
N ALA B 203 4.74 2.50 24.14
CA ALA B 203 4.02 3.61 23.54
C ALA B 203 2.53 3.29 23.35
N PHE B 204 2.22 2.09 22.85
CA PHE B 204 0.86 1.78 22.42
C PHE B 204 0.01 1.03 23.44
N GLU B 205 0.60 0.45 24.48
CA GLU B 205 -0.14 -0.32 25.47
C GLU B 205 -0.07 0.40 26.81
N GLU B 206 -1.13 1.12 27.15
CA GLU B 206 -1.08 2.03 28.30
C GLU B 206 -1.11 1.34 29.65
N ARG B 207 -1.24 0.02 29.70
CA ARG B 207 -1.15 -0.68 30.98
C ARG B 207 0.31 -0.93 31.38
N ILE B 208 1.27 -0.50 30.58
CA ILE B 208 2.68 -0.66 30.89
C ILE B 208 3.15 0.55 31.68
N ALA B 209 3.53 0.32 32.94
CA ALA B 209 3.90 1.42 33.84
C ALA B 209 5.32 1.90 33.63
N LEU B 210 6.21 1.04 33.14
CA LEU B 210 7.61 1.40 32.92
C LEU B 210 8.09 0.75 31.62
N THR B 211 8.63 1.55 30.71
CA THR B 211 9.17 1.09 29.44
C THR B 211 10.69 1.25 29.45
N ILE B 212 11.41 0.21 29.04
CA ILE B 212 12.87 0.23 29.15
C ILE B 212 13.51 -0.27 27.85
N PRO B 213 13.64 0.58 26.81
CA PRO B 213 14.31 0.13 25.58
C PRO B 213 15.83 0.22 25.71
N GLN B 214 16.51 -0.83 25.27
CA GLN B 214 17.95 -0.96 25.45
C GLN B 214 18.62 -1.06 24.09
N GLU B 215 19.51 -0.12 23.79
CA GLU B 215 20.24 -0.04 22.52
C GLU B 215 19.34 -0.36 21.33
N SER B 216 18.25 0.40 21.22
CA SER B 216 17.26 0.16 20.18
C SER B 216 17.61 0.82 18.84
N GLY B 217 18.42 1.87 18.83
CA GLY B 217 18.94 2.38 17.58
C GLY B 217 17.87 2.87 16.62
N SER B 218 18.16 2.73 15.32
CA SER B 218 17.29 3.24 14.28
C SER B 218 15.97 2.48 14.29
N GLY B 219 14.87 3.22 14.22
CA GLY B 219 13.56 2.61 14.40
C GLY B 219 13.20 2.37 15.84
N GLY B 220 14.11 2.65 16.78
CA GLY B 220 13.80 2.68 18.20
C GLY B 220 13.75 4.09 18.72
N ASP B 221 14.65 4.44 19.65
CA ASP B 221 14.67 5.79 20.20
C ASP B 221 15.53 6.76 19.39
N ALA B 222 15.96 6.38 18.19
CA ALA B 222 16.48 7.36 17.24
C ALA B 222 15.35 7.92 16.39
N CYS B 223 15.55 9.15 15.89
CA CYS B 223 14.59 9.79 15.01
C CYS B 223 15.00 9.59 13.56
N TRP B 224 14.00 9.37 12.69
CA TRP B 224 14.28 9.19 11.26
C TRP B 224 15.03 10.39 10.68
N ARG B 225 14.55 11.60 10.97
CA ARG B 225 15.11 12.79 10.34
C ARG B 225 16.56 13.00 10.75
N LEU B 226 16.88 12.71 12.01
CA LEU B 226 18.23 12.95 12.48
C LEU B 226 19.19 11.92 11.92
N SER B 227 18.75 10.67 11.79
CA SER B 227 19.59 9.62 11.23
C SER B 227 19.86 9.85 9.73
N LYS B 228 18.89 10.41 9.02
CA LYS B 228 19.17 10.81 7.63
C LYS B 228 20.24 11.90 7.58
N TYR B 229 20.17 12.86 8.50
CA TYR B 229 21.22 13.86 8.61
C TYR B 229 22.57 13.19 8.86
N GLU B 230 22.62 12.24 9.79
CA GLU B 230 23.89 11.58 10.09
C GLU B 230 24.46 10.89 8.85
N ILE B 231 23.63 10.10 8.17
CA ILE B 231 24.13 9.31 7.05
C ILE B 231 24.58 10.21 5.91
N ASP B 232 23.97 11.38 5.77
CA ASP B 232 24.37 12.38 4.77
C ASP B 232 25.64 13.12 5.15
N ASN B 233 26.09 13.00 6.40
CA ASN B 233 27.22 13.78 6.89
C ASN B 233 28.34 12.91 7.45
N GLY B 234 28.49 11.70 6.93
CA GLY B 234 29.70 10.91 7.14
C GLY B 234 29.64 9.81 8.18
N ASN B 235 28.48 9.56 8.79
CA ASN B 235 28.35 8.48 9.76
C ASN B 235 27.65 7.29 9.12
N GLN B 236 28.22 6.09 9.32
CA GLN B 236 27.64 4.86 8.80
C GLN B 236 26.57 4.37 9.77
N VAL B 237 25.39 5.00 9.70
CA VAL B 237 24.29 4.69 10.60
C VAL B 237 23.20 3.93 9.84
N GLN B 238 22.39 3.20 10.61
CA GLN B 238 21.14 2.68 10.09
C GLN B 238 20.13 3.81 9.91
N ASP B 239 19.38 3.79 8.81
CA ASP B 239 18.44 4.85 8.51
C ASP B 239 17.16 4.25 7.95
N ALA B 240 16.16 5.11 7.71
CA ALA B 240 14.85 4.63 7.26
C ALA B 240 14.95 3.91 5.92
N VAL B 241 15.75 4.42 4.98
CA VAL B 241 15.84 3.80 3.67
C VAL B 241 16.38 2.38 3.78
N GLU B 242 17.44 2.19 4.57
CA GLU B 242 18.04 0.86 4.70
C GLU B 242 17.13 -0.08 5.49
N ILE B 243 16.47 0.43 6.54
CA ILE B 243 15.85 -0.47 7.51
C ILE B 243 14.65 -1.19 6.91
N VAL B 244 13.92 -0.55 5.99
CA VAL B 244 12.74 -1.22 5.43
C VAL B 244 13.11 -2.32 4.44
N GLY B 245 14.34 -2.33 3.92
CA GLY B 245 14.76 -3.40 3.05
C GLY B 245 15.34 -4.56 3.83
N GLU B 246 15.73 -4.27 5.07
CA GLU B 246 16.43 -5.23 5.90
C GLU B 246 15.50 -6.17 6.64
N ASN B 247 14.31 -5.72 7.01
CA ASN B 247 13.44 -6.52 7.87
C ASN B 247 12.00 -6.02 7.73
N VAL B 248 11.13 -6.47 8.64
CA VAL B 248 9.70 -6.18 8.54
C VAL B 248 9.22 -5.47 9.79
N TRP B 249 10.10 -4.70 10.43
CA TRP B 249 9.72 -4.00 11.65
C TRP B 249 8.75 -2.85 11.38
N PHE B 250 8.54 -2.46 10.13
CA PHE B 250 7.62 -1.38 9.79
C PHE B 250 6.65 -1.83 8.70
N SER B 251 5.56 -1.08 8.57
CA SER B 251 4.56 -1.39 7.55
C SER B 251 5.15 -1.26 6.15
N THR B 252 4.61 -2.03 5.20
CA THR B 252 5.04 -1.84 3.82
C THR B 252 4.68 -0.45 3.33
N ASN B 253 3.65 0.16 3.89
CA ASN B 253 3.30 1.52 3.51
C ASN B 253 4.43 2.50 3.82
N PHE B 254 5.24 2.21 4.84
CA PHE B 254 6.33 3.12 5.19
C PHE B 254 7.32 3.27 4.04
N ASN B 255 7.44 2.25 3.18
CA ASN B 255 8.33 2.35 2.04
C ASN B 255 8.00 3.58 1.19
N ASN B 256 6.75 4.03 1.23
CA ASN B 256 6.34 5.18 0.44
C ASN B 256 6.82 6.51 1.02
N TYR B 257 7.41 6.50 2.22
CA TYR B 257 7.83 7.73 2.88
C TYR B 257 9.30 7.78 3.24
N VAL B 258 10.04 6.67 3.17
CA VAL B 258 11.40 6.66 3.71
C VAL B 258 12.31 7.63 2.93
N GLN B 259 11.99 7.90 1.67
CA GLN B 259 12.71 8.89 0.85
C GLN B 259 12.14 10.30 0.99
N LYS B 260 11.08 10.48 1.76
CA LYS B 260 10.36 11.75 1.83
C LYS B 260 10.05 12.08 3.28
N LEU B 261 11.05 11.89 4.16
CA LEU B 261 10.79 12.02 5.58
C LEU B 261 10.22 13.38 6.00
N PRO B 262 10.57 14.50 5.36
CA PRO B 262 9.96 15.78 5.77
C PRO B 262 8.45 15.79 5.66
N THR B 263 7.88 14.95 4.77
CA THR B 263 6.43 14.86 4.60
C THR B 263 5.74 14.05 5.68
N VAL B 264 6.49 13.41 6.57
CA VAL B 264 5.91 12.54 7.60
C VAL B 264 5.58 13.39 8.82
N PRO B 265 4.31 13.49 9.22
CA PRO B 265 3.93 14.40 10.31
C PRO B 265 4.17 13.81 11.70
N GLU B 266 5.18 12.96 11.80
CA GLU B 266 5.62 12.42 13.08
C GLU B 266 7.07 12.01 12.94
N ASP B 267 7.70 11.81 14.08
CA ASP B 267 8.98 11.11 14.15
C ASP B 267 9.03 10.39 15.49
N HIS B 268 10.15 9.69 15.75
CA HIS B 268 10.12 8.81 16.92
C HIS B 268 10.24 9.57 18.24
N HIS B 269 10.44 10.89 18.21
CA HIS B 269 10.27 11.64 19.45
C HIS B 269 8.81 11.66 19.88
N LEU B 270 7.88 11.67 18.91
CA LEU B 270 6.45 11.57 19.23
C LEU B 270 6.04 10.15 19.59
N LEU B 271 6.67 9.15 18.97
CA LEU B 271 6.46 7.77 19.41
C LEU B 271 6.80 7.62 20.88
N ALA B 272 8.00 8.03 21.27
CA ALA B 272 8.40 7.97 22.67
C ALA B 272 7.43 8.75 23.54
N ALA B 273 7.01 9.93 23.07
CA ALA B 273 6.10 10.76 23.85
C ALA B 273 4.78 10.07 24.10
N MET B 274 4.38 9.10 23.27
CA MET B 274 3.15 8.35 23.53
C MET B 274 3.19 7.62 24.85
N VAL B 275 4.37 7.39 25.42
CA VAL B 275 4.45 6.76 26.73
C VAL B 275 3.93 7.70 27.80
N ALA B 276 4.08 9.01 27.62
CA ALA B 276 3.65 9.96 28.64
C ALA B 276 2.14 9.86 28.82
N PRO B 277 1.63 10.05 30.06
CA PRO B 277 2.38 10.43 31.28
C PRO B 277 2.94 9.26 32.09
N ARG B 278 3.14 8.11 31.47
CA ARG B 278 3.77 6.99 32.14
C ARG B 278 5.29 7.13 32.05
N ALA B 279 6.02 6.15 32.59
CA ALA B 279 7.45 6.29 32.79
C ALA B 279 8.24 5.51 31.75
N MET B 280 9.41 6.06 31.39
CA MET B 280 10.30 5.38 30.46
CA MET B 280 10.29 5.40 30.44
C MET B 280 11.73 5.87 30.66
N ILE B 281 12.67 4.93 30.62
CA ILE B 281 14.08 5.25 30.52
C ILE B 281 14.67 4.34 29.45
N SER B 282 15.38 4.91 28.50
CA SER B 282 16.06 4.12 27.48
C SER B 282 17.56 4.34 27.62
N PHE B 283 18.33 3.35 27.17
CA PHE B 283 19.77 3.33 27.33
C PHE B 283 20.40 3.14 25.97
N GLU B 284 21.40 3.95 25.65
CA GLU B 284 22.06 3.83 24.36
C GLU B 284 23.57 3.65 24.52
N ASN B 285 24.20 3.24 23.43
CA ASN B 285 25.60 2.83 23.38
C ASN B 285 26.26 3.55 22.22
N THR B 286 27.25 4.41 22.50
CA THR B 286 27.88 5.16 21.41
C THR B 286 28.95 4.37 20.67
N ASP B 287 29.27 3.16 21.12
CA ASP B 287 30.28 2.37 20.43
C ASP B 287 29.85 1.92 19.03
N TYR B 288 28.55 1.94 18.73
CA TYR B 288 28.04 1.40 17.46
C TYR B 288 27.32 2.50 16.70
N LEU B 289 28.02 3.09 15.72
CA LEU B 289 27.42 4.13 14.89
C LEU B 289 26.18 3.61 14.19
N TRP B 290 26.11 2.30 13.94
CA TRP B 290 24.92 1.73 13.32
C TRP B 290 23.66 2.12 14.09
N LEU B 291 23.78 2.28 15.42
CA LEU B 291 22.67 2.68 16.28
C LEU B 291 22.28 4.14 16.11
N SER B 292 23.08 4.94 15.42
CA SER B 292 22.79 6.35 15.18
C SER B 292 22.82 7.15 16.49
N PRO B 293 23.97 7.23 17.15
CA PRO B 293 23.98 7.80 18.52
C PRO B 293 23.46 9.22 18.62
N MET B 294 23.90 10.13 17.74
CA MET B 294 23.41 11.50 17.84
C MET B 294 21.90 11.56 17.68
N SER B 295 21.37 10.76 16.76
CA SER B 295 19.93 10.78 16.51
C SER B 295 19.14 10.40 17.76
N SER B 296 19.60 9.36 18.48
CA SER B 296 18.92 8.96 19.71
C SER B 296 18.92 10.09 20.74
N PHE B 297 20.07 10.73 20.97
CA PHE B 297 20.11 11.80 21.97
C PHE B 297 19.21 12.96 21.59
N GLY B 298 19.29 13.41 20.34
CA GLY B 298 18.43 14.50 19.91
C GLY B 298 16.96 14.10 19.94
N CYS B 299 16.66 12.87 19.52
CA CYS B 299 15.29 12.39 19.50
C CYS B 299 14.70 12.38 20.90
N MET B 300 15.41 11.82 21.87
CA MET B 300 14.88 11.73 23.22
C MET B 300 14.92 13.09 23.93
N THR B 301 15.87 13.94 23.58
CA THR B 301 15.81 15.33 24.06
C THR B 301 14.50 15.98 23.60
N ALA B 302 14.14 15.77 22.34
CA ALA B 302 12.88 16.33 21.84
C ALA B 302 11.69 15.68 22.55
N ALA B 303 11.68 14.36 22.65
CA ALA B 303 10.59 13.68 23.33
C ALA B 303 10.46 14.15 24.78
N HIS B 304 11.59 14.44 25.41
CA HIS B 304 11.58 14.83 26.82
C HIS B 304 10.72 16.05 27.07
N THR B 305 10.61 16.96 26.09
CA THR B 305 9.87 18.20 26.33
C THR B 305 8.38 17.94 26.58
N VAL B 306 7.86 16.78 26.15
CA VAL B 306 6.46 16.48 26.42
C VAL B 306 6.26 16.19 27.90
N TRP B 307 7.10 15.32 28.48
CA TRP B 307 7.06 15.12 29.92
C TRP B 307 7.27 16.43 30.67
N GLN B 308 8.22 17.23 30.20
CA GLN B 308 8.45 18.54 30.82
C GLN B 308 7.19 19.39 30.78
N GLY B 309 6.52 19.43 29.62
CA GLY B 309 5.28 20.20 29.51
C GLY B 309 4.18 19.69 30.43
N LEU B 310 4.18 18.40 30.73
CA LEU B 310 3.20 17.82 31.63
C LEU B 310 3.61 17.90 33.09
N GLY B 311 4.75 18.53 33.39
CA GLY B 311 5.19 18.66 34.77
C GLY B 311 5.73 17.39 35.38
N ILE B 312 6.12 16.41 34.56
CA ILE B 312 6.62 15.14 35.05
C ILE B 312 7.93 14.78 34.37
N ALA B 313 8.84 15.75 34.29
CA ALA B 313 10.10 15.53 33.57
C ALA B 313 10.83 14.29 34.09
N ASP B 314 10.80 14.03 35.39
CA ASP B 314 11.61 12.93 35.91
C ASP B 314 10.93 11.57 35.78
N SER B 315 9.82 11.47 35.05
CA SER B 315 9.30 10.16 34.65
C SER B 315 9.92 9.67 33.36
N HIS B 316 10.82 10.43 32.76
CA HIS B 316 11.46 10.06 31.49
C HIS B 316 12.96 10.25 31.63
N GLY B 317 13.72 9.18 31.34
CA GLY B 317 15.16 9.24 31.47
C GLY B 317 15.85 8.75 30.21
N PHE B 318 17.12 9.13 30.10
CA PHE B 318 17.95 8.73 28.98
C PHE B 318 19.39 8.72 29.43
N ALA B 319 20.08 7.61 29.20
CA ALA B 319 21.48 7.48 29.54
C ALA B 319 22.20 6.88 28.35
N GLN B 320 23.27 7.54 27.91
CA GLN B 320 23.99 7.14 26.71
C GLN B 320 25.49 7.15 27.01
N VAL B 321 26.15 6.00 26.85
CA VAL B 321 27.55 5.85 27.17
C VAL B 321 28.22 5.03 26.08
N GLY B 322 29.54 4.88 26.18
CA GLY B 322 30.28 3.95 25.36
C GLY B 322 31.00 2.94 26.23
N GLY B 323 31.90 2.16 25.64
CA GLY B 323 32.76 1.28 26.42
C GLY B 323 32.20 -0.09 26.75
N HIS B 324 31.29 -0.63 25.93
CA HIS B 324 30.82 -1.99 26.19
C HIS B 324 30.21 -2.58 24.93
N ALA B 325 30.10 -3.90 24.91
CA ALA B 325 29.59 -4.61 23.74
C ALA B 325 28.09 -4.40 23.59
N HIS B 326 27.58 -4.71 22.40
CA HIS B 326 26.17 -4.53 22.09
C HIS B 326 25.32 -5.45 22.96
N CYS B 327 24.38 -4.86 23.71
CA CYS B 327 23.47 -5.53 24.62
C CYS B 327 24.15 -6.11 25.85
N ALA B 328 25.45 -5.87 26.04
CA ALA B 328 26.07 -6.14 27.33
C ALA B 328 25.73 -4.99 28.28
N TRP B 329 25.44 -5.33 29.53
CA TRP B 329 24.96 -4.33 30.46
C TRP B 329 26.11 -3.77 31.30
N PRO B 330 26.42 -2.47 31.19
CA PRO B 330 27.50 -1.90 32.02
C PRO B 330 27.00 -1.61 33.43
N SER B 331 27.74 -2.11 34.42
CA SER B 331 27.34 -1.94 35.81
C SER B 331 27.23 -0.47 36.19
N SER B 332 27.93 0.42 35.49
CA SER B 332 27.87 1.84 35.82
C SER B 332 26.46 2.41 35.65
N LEU B 333 25.61 1.78 34.86
CA LEU B 333 24.25 2.24 34.61
C LEU B 333 23.22 1.56 35.51
N THR B 334 23.62 0.60 36.33
CA THR B 334 22.66 -0.10 37.16
C THR B 334 21.93 0.81 38.16
N PRO B 335 22.59 1.77 38.81
CA PRO B 335 21.81 2.69 39.67
C PRO B 335 20.71 3.41 38.91
N GLN B 336 20.96 3.85 37.68
CA GLN B 336 19.94 4.55 36.91
C GLN B 336 18.78 3.62 36.55
N LEU B 337 19.10 2.42 36.07
CA LEU B 337 18.06 1.43 35.80
C LEU B 337 17.25 1.12 37.05
N ASN B 338 17.93 0.86 38.18
CA ASN B 338 17.22 0.46 39.38
C ASN B 338 16.40 1.60 39.98
N ALA B 339 16.84 2.85 39.81
CA ALA B 339 16.05 3.98 40.28
C ALA B 339 14.66 3.97 39.63
N PHE B 340 14.61 3.76 38.32
CA PHE B 340 13.32 3.77 37.63
C PHE B 340 12.47 2.56 38.00
N ILE B 341 13.09 1.37 38.12
CA ILE B 341 12.36 0.20 38.56
C ILE B 341 11.83 0.39 39.98
N ASN B 342 12.69 0.88 40.88
CA ASN B 342 12.30 1.09 42.27
C ASN B 342 11.10 2.01 42.37
N ARG B 343 11.12 3.12 41.63
CA ARG B 343 10.07 4.12 41.78
C ARG B 343 8.77 3.69 41.12
N PHE B 344 8.84 3.19 39.88
CA PHE B 344 7.63 2.99 39.09
C PHE B 344 7.12 1.56 39.08
N LEU B 345 7.90 0.59 39.53
CA LEU B 345 7.39 -0.77 39.67
C LEU B 345 7.35 -1.25 41.12
N LEU B 346 8.25 -0.78 41.98
CA LEU B 346 8.35 -1.26 43.34
C LEU B 346 7.80 -0.27 44.36
N ASP B 347 7.25 0.87 43.92
CA ASP B 347 6.58 1.80 44.83
C ASP B 347 7.54 2.38 45.88
N GLN B 348 8.80 2.56 45.54
CA GLN B 348 9.76 3.11 46.46
C GLN B 348 10.03 4.59 46.16
N SER B 349 10.58 5.28 47.17
CA SER B 349 10.76 6.73 47.10
C SER B 349 12.17 7.05 46.60
N ALA B 350 12.36 6.88 45.30
CA ALA B 350 13.66 7.04 44.67
C ALA B 350 13.61 8.18 43.66
N THR B 351 14.67 8.99 43.64
CA THR B 351 14.81 10.01 42.61
C THR B 351 15.16 9.37 41.27
N THR B 352 14.68 9.98 40.18
CA THR B 352 14.80 9.38 38.85
C THR B 352 15.23 10.44 37.83
N ASN B 353 16.21 11.27 38.19
CA ASN B 353 16.71 12.33 37.30
C ASN B 353 17.89 11.77 36.54
N VAL B 354 17.66 11.37 35.28
CA VAL B 354 18.64 10.70 34.45
C VAL B 354 18.55 11.24 33.02
N PHE B 355 19.50 12.09 32.64
CA PHE B 355 19.57 12.53 31.23
C PHE B 355 21.01 12.95 30.96
N THR B 356 21.78 12.06 30.34
CA THR B 356 23.21 12.22 30.19
C THR B 356 23.68 11.58 28.91
N THR B 357 24.73 12.16 28.30
CA THR B 357 25.38 11.58 27.14
C THR B 357 26.84 12.00 27.16
N ASN B 358 27.63 11.36 26.31
CA ASN B 358 29.06 11.68 26.20
C ASN B 358 29.38 12.47 24.92
N ASN B 359 28.39 12.77 24.09
CA ASN B 359 28.57 13.53 22.84
C ASN B 359 29.54 12.87 21.87
N GLN B 360 29.83 11.59 22.04
CA GLN B 360 30.78 10.90 21.16
C GLN B 360 29.99 10.41 19.95
N PHE B 361 29.71 11.35 19.04
CA PHE B 361 28.73 11.17 17.97
C PHE B 361 29.35 10.96 16.60
N GLY B 362 30.63 10.64 16.53
CA GLY B 362 31.23 10.43 15.22
C GLY B 362 31.44 11.76 14.51
N LYS B 363 31.07 11.83 13.23
CA LYS B 363 31.36 13.00 12.41
C LYS B 363 30.28 14.08 12.47
N VAL B 364 29.31 13.99 13.38
CA VAL B 364 28.22 14.95 13.43
C VAL B 364 28.10 15.52 14.84
N GLN B 365 27.36 16.64 14.93
CA GLN B 365 27.04 17.28 16.20
C GLN B 365 25.52 17.36 16.36
N TRP B 366 25.09 17.44 17.60
CA TRP B 366 23.70 17.76 17.93
C TRP B 366 23.58 19.24 18.20
N ASN B 367 22.79 19.94 17.38
CA ASN B 367 22.47 21.35 17.59
C ASN B 367 20.95 21.45 17.72
N ALA B 368 20.49 21.59 18.98
CA ALA B 368 19.05 21.60 19.23
C ALA B 368 18.34 22.68 18.43
N ALA B 369 18.97 23.83 18.23
CA ALA B 369 18.36 24.91 17.48
C ALA B 369 18.06 24.54 16.03
N ASN B 370 18.76 23.56 15.47
CA ASN B 370 18.51 23.13 14.10
C ASN B 370 17.40 22.08 13.99
N TRP B 371 16.82 21.63 15.11
CA TRP B 371 15.86 20.53 15.06
C TRP B 371 14.61 20.74 15.90
N ILE B 372 14.69 21.43 17.03
CA ILE B 372 13.56 21.70 17.89
C ILE B 372 13.17 23.16 17.73
N THR B 373 11.95 23.40 17.24
CA THR B 373 11.48 24.75 16.96
C THR B 373 10.47 25.26 17.97
N TRP B 374 9.98 24.41 18.86
CA TRP B 374 8.91 24.82 19.76
C TRP B 374 9.45 25.24 21.11
N THR B 375 8.66 26.07 21.79
CA THR B 375 8.85 26.41 23.20
C THR B 375 7.94 25.51 24.01
N THR B 376 8.50 24.87 25.03
CA THR B 376 7.73 23.93 25.83
C THR B 376 6.70 24.67 26.66
N PRO B 377 5.41 24.45 26.45
CA PRO B 377 4.41 25.09 27.30
C PRO B 377 4.33 24.40 28.65
N THR B 378 3.69 25.08 29.59
CA THR B 378 3.28 24.47 30.85
C THR B 378 1.81 24.10 30.72
N LEU B 379 1.54 22.82 30.49
CA LEU B 379 0.18 22.37 30.27
C LEU B 379 -0.58 22.31 31.60
N THR B 380 -1.77 22.88 31.63
CA THR B 380 -2.53 23.09 32.85
C THR B 380 -3.63 22.03 33.04
N GLY B 381 -4.18 21.99 34.25
CA GLY B 381 -5.42 21.26 34.51
C GLY B 381 -5.31 19.96 35.29
C1 NAG C . -24.26 17.98 -27.09
C2 NAG C . -25.42 18.53 -26.29
C3 NAG C . -25.23 18.21 -24.81
C4 NAG C . -25.05 16.71 -24.62
C5 NAG C . -23.89 16.22 -25.48
C6 NAG C . -23.71 14.72 -25.43
C7 NAG C . -26.78 20.54 -26.66
C8 NAG C . -26.79 22.02 -26.83
N2 NAG C . -25.59 19.96 -26.48
O3 NAG C . -26.36 18.66 -24.08
O4 NAG C . -24.80 16.41 -23.25
O5 NAG C . -24.12 16.58 -26.84
O6 NAG C . -24.85 14.05 -25.93
O7 NAG C . -27.81 19.87 -26.69
C1 MAN D . -21.02 7.38 -39.14
C2 MAN D . -20.45 7.89 -40.50
C3 MAN D . -21.53 7.76 -41.57
C4 MAN D . -22.02 6.29 -41.61
C5 MAN D . -22.55 5.81 -40.23
C6 MAN D . -22.89 4.31 -40.21
O2 MAN D . -19.36 7.07 -40.96
O3 MAN D . -21.06 8.15 -42.86
O4 MAN D . -23.07 6.14 -42.59
O5 MAN D . -21.51 6.03 -39.23
O6 MAN D . -23.32 3.93 -38.90
H1 MAN D . -20.23 7.33 -38.39
H2 MAN D . -20.12 8.92 -40.37
H3 MAN D . -22.35 8.44 -41.34
H4 MAN D . -21.15 5.67 -41.87
H5 MAN D . -23.44 6.39 -39.97
H61 MAN D . -21.99 3.75 -40.52
H62 MAN D . -23.68 4.14 -40.97
HO2 MAN D . -18.66 7.05 -40.29
HO3 MAN D . -20.94 9.11 -42.81
HO4 MAN D . -22.71 6.52 -43.40
HO6 MAN D . -23.84 4.66 -38.55
C1 EDO E . 0.23 -8.35 -32.47
O1 EDO E . 0.29 -6.96 -32.79
C2 EDO E . 0.92 -9.15 -33.59
O2 EDO E . 0.69 -8.52 -34.85
H11 EDO E . -0.80 -8.67 -32.35
H12 EDO E . 0.75 -8.53 -31.52
HO1 EDO E . 0.07 -6.44 -32.00
H21 EDO E . 0.51 -10.16 -33.61
H22 EDO E . 1.99 -9.21 -33.39
HO2 EDO E . 1.24 -8.94 -35.52
C1 MAN F . -24.86 4.65 -33.63
C2 MAN F . -25.64 4.67 -34.97
C3 MAN F . -26.56 5.89 -34.98
C4 MAN F . -27.44 5.93 -33.71
C5 MAN F . -26.57 5.88 -32.45
C6 MAN F . -27.35 5.81 -31.15
O2 MAN F . -26.51 3.54 -35.09
O3 MAN F . -27.36 5.94 -36.15
O4 MAN F . -28.23 7.13 -33.69
O5 MAN F . -25.71 4.70 -32.50
O6 MAN F . -26.43 5.97 -30.07
H1 MAN F . -24.33 3.69 -33.53
H2 MAN F . -24.95 4.69 -35.81
H3 MAN F . -25.94 6.80 -35.00
H4 MAN F . -28.09 5.04 -33.72
H5 MAN F . -25.95 6.79 -32.43
H61 MAN F . -27.87 4.84 -31.10
H62 MAN F . -28.10 6.61 -31.15
HO2 MAN F . -26.00 2.73 -34.93
HO3 MAN F . -26.73 5.91 -36.90
HO4 MAN F . -28.63 7.18 -34.57
HO6 MAN F . -26.73 6.71 -29.53
C1 NAG G . -8.20 20.11 16.43
C2 NAG G . -9.54 20.55 17.02
C3 NAG G . -9.64 20.12 18.48
C4 NAG G . -9.39 18.62 18.62
C5 NAG G . -8.04 18.26 18.00
C6 NAG G . -7.77 16.77 18.01
C7 NAG G . -10.85 22.56 16.50
C8 NAG G . -10.86 24.06 16.44
N2 NAG G . -9.71 21.99 16.90
O3 NAG G . -10.92 20.45 18.99
O4 NAG G . -9.37 18.26 20.00
O5 NAG G . -8.03 18.67 16.63
O6 NAG G . -8.60 16.08 17.09
O7 NAG G . -11.83 21.89 16.18
C1 MAN H . -1.83 10.78 4.57
C2 MAN H . -1.12 11.49 3.37
C3 MAN H . -1.92 11.29 2.07
C4 MAN H . -2.31 9.81 1.89
C5 MAN H . -3.11 9.31 3.11
C6 MAN H . -3.49 7.82 2.99
O2 MAN H . 0.18 10.93 3.10
O3 MAN H . -1.21 11.77 0.93
O4 MAN H . -3.09 9.64 0.71
O5 MAN H . -2.29 9.46 4.28
O6 MAN H . -4.02 7.37 4.26
H1 MAN H . -1.11 10.63 5.39
H2 MAN H . -1.05 12.55 3.59
H3 MAN H . -2.85 11.88 2.13
H4 MAN H . -1.37 9.23 1.85
H5 MAN H . -4.03 9.90 3.21
H61 MAN H . -2.60 7.26 2.72
H62 MAN H . -4.24 7.72 2.19
HO2 MAN H . 0.76 11.14 3.85
HO3 MAN H . -1.01 12.70 1.13
HO4 MAN H . -2.50 9.92 -0.02
HO6 MAN H . -4.59 8.07 4.60
C1 EDO I . 19.30 -3.92 14.29
O1 EDO I . 19.16 -2.51 14.06
C2 EDO I . 20.21 -4.57 13.25
O2 EDO I . 20.06 -3.93 11.97
H11 EDO I . 18.31 -4.39 14.25
H12 EDO I . 19.71 -4.09 15.28
HO1 EDO I . 18.81 -2.09 14.86
H21 EDO I . 19.97 -5.62 13.15
H22 EDO I . 21.25 -4.48 13.57
HO2 EDO I . 20.75 -4.23 11.37
C1 MAN J . -6.49 7.45 8.81
C2 MAN J . -7.09 7.40 7.40
C3 MAN J . -8.25 8.39 7.31
C4 MAN J . -9.26 8.15 8.46
C5 MAN J . -8.53 8.19 9.82
C6 MAN J . -9.42 7.84 11.02
O2 MAN J . -7.64 6.10 7.11
O3 MAN J . -8.89 8.35 6.04
O4 MAN J . -10.26 9.16 8.43
O5 MAN J . -7.45 7.23 9.81
O6 MAN J . -8.69 8.11 12.22
H1 MAN J . -5.77 6.62 8.94
H2 MAN J . -6.32 7.66 6.65
H3 MAN J . -7.87 9.42 7.43
H4 MAN J . -9.69 7.14 8.33
H5 MAN J . -8.15 9.20 9.97
H61 MAN J . -9.70 6.77 10.96
H62 MAN J . -10.33 8.44 10.96
HO2 MAN J . -6.99 5.43 7.34
HO3 MAN J . -8.20 8.59 5.40
HO4 MAN J . -10.53 9.24 7.50
HO6 MAN J . -9.25 7.90 12.97
C1 GOL K . -6.20 -8.33 39.64
O1 GOL K . -5.89 -6.98 39.59
C2 GOL K . -5.59 -8.96 38.38
O2 GOL K . -4.22 -8.75 38.31
C3 GOL K . -5.94 -10.46 38.42
O3 GOL K . -5.52 -10.97 39.67
H11 GOL K . -7.16 -8.51 39.65
H12 GOL K . -5.84 -8.77 40.43
HO1 GOL K . -5.30 -6.88 38.99
H2 GOL K . -5.98 -8.54 37.59
HO2 GOL K . -3.93 -8.65 39.11
H31 GOL K . -5.51 -10.90 37.67
H32 GOL K . -6.89 -10.56 38.27
HO3 GOL K . -6.20 -10.96 40.18
NA NA L . -2.95 -10.62 39.89
#